data_1DA3
# 
_entry.id   1DA3 
# 
_audit_conform.dict_name       mmcif_pdbx.dic 
_audit_conform.dict_version    5.385 
_audit_conform.dict_location   http://mmcif.pdb.org/dictionaries/ascii/mmcif_pdbx.dic 
# 
loop_
_database_2.database_id 
_database_2.database_code 
_database_2.pdbx_database_accession 
_database_2.pdbx_DOI 
PDB   1DA3         pdb_00001da3 10.2210/pdb1da3/pdb 
RCSB  BDJB48       ?            ?                   
WWPDB D_1000172698 ?            ?                   
# 
loop_
_pdbx_audit_revision_history.ordinal 
_pdbx_audit_revision_history.data_content_type 
_pdbx_audit_revision_history.major_revision 
_pdbx_audit_revision_history.minor_revision 
_pdbx_audit_revision_history.revision_date 
1 'Structure model' 1 0 1993-04-15 
2 'Structure model' 1 1 2008-05-22 
3 'Structure model' 1 2 2011-07-13 
4 'Structure model' 1 3 2024-02-07 
# 
_pdbx_audit_revision_details.ordinal             1 
_pdbx_audit_revision_details.revision_ordinal    1 
_pdbx_audit_revision_details.data_content_type   'Structure model' 
_pdbx_audit_revision_details.provider            repository 
_pdbx_audit_revision_details.type                'Initial release' 
_pdbx_audit_revision_details.description         ? 
_pdbx_audit_revision_details.details             ? 
# 
loop_
_pdbx_audit_revision_group.ordinal 
_pdbx_audit_revision_group.revision_ordinal 
_pdbx_audit_revision_group.data_content_type 
_pdbx_audit_revision_group.group 
1 2 'Structure model' 'Version format compliance' 
2 3 'Structure model' 'Version format compliance' 
3 4 'Structure model' 'Data collection'           
4 4 'Structure model' 'Database references'       
5 4 'Structure model' 'Derived calculations'      
# 
loop_
_pdbx_audit_revision_category.ordinal 
_pdbx_audit_revision_category.revision_ordinal 
_pdbx_audit_revision_category.data_content_type 
_pdbx_audit_revision_category.category 
1 4 'Structure model' chem_comp_atom         
2 4 'Structure model' chem_comp_bond         
3 4 'Structure model' database_2             
4 4 'Structure model' pdbx_struct_conn_angle 
5 4 'Structure model' struct_conn            
6 4 'Structure model' struct_conn_type       
7 4 'Structure model' struct_site            
# 
loop_
_pdbx_audit_revision_item.ordinal 
_pdbx_audit_revision_item.revision_ordinal 
_pdbx_audit_revision_item.data_content_type 
_pdbx_audit_revision_item.item 
1  4 'Structure model' '_database_2.pdbx_DOI'                      
2  4 'Structure model' '_database_2.pdbx_database_accession'       
3  4 'Structure model' '_pdbx_struct_conn_angle.ptnr1_auth_seq_id' 
4  4 'Structure model' '_pdbx_struct_conn_angle.ptnr3_auth_seq_id' 
5  4 'Structure model' '_pdbx_struct_conn_angle.value'             
6  4 'Structure model' '_struct_conn.conn_type_id'                 
7  4 'Structure model' '_struct_conn.id'                           
8  4 'Structure model' '_struct_conn.pdbx_dist_value'              
9  4 'Structure model' '_struct_conn.pdbx_leaving_atom_flag'       
10 4 'Structure model' '_struct_conn.ptnr1_auth_asym_id'           
11 4 'Structure model' '_struct_conn.ptnr1_auth_comp_id'           
12 4 'Structure model' '_struct_conn.ptnr1_auth_seq_id'            
13 4 'Structure model' '_struct_conn.ptnr1_label_asym_id'          
14 4 'Structure model' '_struct_conn.ptnr1_label_atom_id'          
15 4 'Structure model' '_struct_conn.ptnr1_label_comp_id'          
16 4 'Structure model' '_struct_conn.ptnr1_label_seq_id'           
17 4 'Structure model' '_struct_conn.ptnr1_symmetry'               
18 4 'Structure model' '_struct_conn.ptnr2_auth_asym_id'           
19 4 'Structure model' '_struct_conn.ptnr2_auth_comp_id'           
20 4 'Structure model' '_struct_conn.ptnr2_auth_seq_id'            
21 4 'Structure model' '_struct_conn.ptnr2_label_asym_id'          
22 4 'Structure model' '_struct_conn.ptnr2_label_atom_id'          
23 4 'Structure model' '_struct_conn.ptnr2_label_comp_id'          
24 4 'Structure model' '_struct_conn.ptnr2_label_seq_id'           
25 4 'Structure model' '_struct_conn.ptnr2_symmetry'               
26 4 'Structure model' '_struct_conn_type.id'                      
27 4 'Structure model' '_struct_site.pdbx_auth_asym_id'            
28 4 'Structure model' '_struct_site.pdbx_auth_comp_id'            
29 4 'Structure model' '_struct_site.pdbx_auth_seq_id'             
# 
_pdbx_database_status.status_code                     REL 
_pdbx_database_status.entry_id                        1DA3 
_pdbx_database_status.recvd_initial_deposition_date   1992-11-09 
_pdbx_database_status.deposit_site                    BNL 
_pdbx_database_status.process_site                    NDB 
_pdbx_database_status.status_code_sf                  REL 
_pdbx_database_status.status_code_mr                  ? 
_pdbx_database_status.SG_entry                        ? 
_pdbx_database_status.pdb_format_compatible           Y 
_pdbx_database_status.status_code_cs                  ? 
_pdbx_database_status.status_code_nmr_data            ? 
_pdbx_database_status.methods_development_category    ? 
# 
loop_
_audit_author.name 
_audit_author.pdbx_ordinal 
'Baikalov, I.'    1 
'Grzeskowiak, K.' 2 
'Yanagi, K.'      3 
'Quintana, J.'    4 
'Dickerson, R.E.' 5 
# 
loop_
_citation.id 
_citation.title 
_citation.journal_abbrev 
_citation.journal_volume 
_citation.page_first 
_citation.page_last 
_citation.year 
_citation.journal_id_ASTM 
_citation.country 
_citation.journal_id_ISSN 
_citation.journal_id_CSD 
_citation.book_publisher 
_citation.pdbx_database_id_PubMed 
_citation.pdbx_database_id_DOI 
primary 'The crystal structure of the trigonal decamer C-G-A-T-C-G-6meA-T-C-G: a B-DNA helix with 10.6 base-pairs per turn.' 
J.Mol.Biol.  231 768  784  1993 JMOBAK UK 0022-2836 0070 ? 8515450 10.1006/jmbi.1993.1325 
1       
'The Structure of B-Helical C-G-A-T-C-G-A-T-C-G and Comparison with C-C-A-A-C-G- T-T-G-G. The Effect of Base Pair Reversals' 
J.Biol.Chem. 266 8861 8883 1991 JBCHA3 US 0021-9258 0071 ? ?       ?                      
# 
loop_
_citation_author.citation_id 
_citation_author.name 
_citation_author.ordinal 
_citation_author.identifier_ORCID 
primary 'Baikalov, I.'    1 ? 
primary 'Grzeskowiak, K.' 2 ? 
primary 'Yanagi, K.'      3 ? 
primary 'Quintana, J.'    4 ? 
primary 'Dickerson, R.E.' 5 ? 
1       'Grzeskowiak, K.' 6 ? 
1       'Yanagi, K.'      7 ? 
1       'Prive, G.G.'     8 ? 
1       'Dickerson, R.E.' 9 ? 
# 
loop_
_entity.id 
_entity.type 
_entity.src_method 
_entity.pdbx_description 
_entity.formula_weight 
_entity.pdbx_number_of_molecules 
_entity.pdbx_ec 
_entity.pdbx_mutation 
_entity.pdbx_fragment 
_entity.details 
1 polymer     man 
;DNA (5'-D(*CP*GP*AP*TP*CP*GP*(6MA)P*TP*CP*G)-3')
;
3059.031 2  ? ? ? ? 
2 non-polymer syn 'CHLORIDE ION'                                     35.453   1  ? ? ? ? 
3 non-polymer syn 'MAGNESIUM ION'                                    24.305   2  ? ? ? ? 
4 water       nat water                                              18.015   53 ? ? ? ? 
# 
_entity_poly.entity_id                      1 
_entity_poly.type                           polydeoxyribonucleotide 
_entity_poly.nstd_linkage                   no 
_entity_poly.nstd_monomer                   yes 
_entity_poly.pdbx_seq_one_letter_code       '(DC)(DG)(DA)(DT)(DC)(DG)(6MA)(DT)(DC)(DG)' 
_entity_poly.pdbx_seq_one_letter_code_can   CGATCGATCG 
_entity_poly.pdbx_strand_id                 A,B 
_entity_poly.pdbx_target_identifier         ? 
# 
loop_
_pdbx_entity_nonpoly.entity_id 
_pdbx_entity_nonpoly.name 
_pdbx_entity_nonpoly.comp_id 
2 'CHLORIDE ION'  CL  
3 'MAGNESIUM ION' MG  
4 water           HOH 
# 
loop_
_entity_poly_seq.entity_id 
_entity_poly_seq.num 
_entity_poly_seq.mon_id 
_entity_poly_seq.hetero 
1 1  DC  n 
1 2  DG  n 
1 3  DA  n 
1 4  DT  n 
1 5  DC  n 
1 6  DG  n 
1 7  6MA n 
1 8  DT  n 
1 9  DC  n 
1 10 DG  n 
# 
loop_
_chem_comp.id 
_chem_comp.type 
_chem_comp.mon_nstd_flag 
_chem_comp.name 
_chem_comp.pdbx_synonyms 
_chem_comp.formula 
_chem_comp.formula_weight 
6MA 'DNA linking' n "N6-METHYL-DEOXY-ADENOSINE-5'-MONOPHOSPHATE" ? 'C11 H16 N5 O6 P' 345.248 
CL  non-polymer   . 'CHLORIDE ION'                               ? 'Cl -1'           35.453  
DA  'DNA linking' y "2'-DEOXYADENOSINE-5'-MONOPHOSPHATE"         ? 'C10 H14 N5 O6 P' 331.222 
DC  'DNA linking' y "2'-DEOXYCYTIDINE-5'-MONOPHOSPHATE"          ? 'C9 H14 N3 O7 P'  307.197 
DG  'DNA linking' y "2'-DEOXYGUANOSINE-5'-MONOPHOSPHATE"         ? 'C10 H14 N5 O7 P' 347.221 
DT  'DNA linking' y "THYMIDINE-5'-MONOPHOSPHATE"                 ? 'C10 H15 N2 O8 P' 322.208 
HOH non-polymer   . WATER                                        ? 'H2 O'            18.015  
MG  non-polymer   . 'MAGNESIUM ION'                              ? 'Mg 2'            24.305  
# 
loop_
_pdbx_poly_seq_scheme.asym_id 
_pdbx_poly_seq_scheme.entity_id 
_pdbx_poly_seq_scheme.seq_id 
_pdbx_poly_seq_scheme.mon_id 
_pdbx_poly_seq_scheme.ndb_seq_num 
_pdbx_poly_seq_scheme.pdb_seq_num 
_pdbx_poly_seq_scheme.auth_seq_num 
_pdbx_poly_seq_scheme.pdb_mon_id 
_pdbx_poly_seq_scheme.auth_mon_id 
_pdbx_poly_seq_scheme.pdb_strand_id 
_pdbx_poly_seq_scheme.pdb_ins_code 
_pdbx_poly_seq_scheme.hetero 
A 1 1  DC  1  1  1  DC  DC  A . n 
A 1 2  DG  2  2  2  DG  DG  A . n 
A 1 3  DA  3  3  3  DA  DA  A . n 
A 1 4  DT  4  4  4  DT  DT  A . n 
A 1 5  DC  5  5  5  DC  DC  A . n 
A 1 6  DG  6  6  6  DG  DG  A . n 
A 1 7  6MA 7  7  7  6MA 6MA A . n 
A 1 8  DT  8  8  8  DT  DT  A . n 
A 1 9  DC  9  9  9  DC  DC  A . n 
A 1 10 DG  10 10 10 DG  DG  A . n 
B 1 1  DC  1  11 11 DC  DC  B . n 
B 1 2  DG  2  12 12 DG  DG  B . n 
B 1 3  DA  3  13 13 DA  DA  B . n 
B 1 4  DT  4  14 14 DT  DT  B . n 
B 1 5  DC  5  15 15 DC  DC  B . n 
B 1 6  DG  6  16 16 DG  DG  B . n 
B 1 7  6MA 7  17 17 6MA 6MA B . n 
B 1 8  DT  8  18 18 DT  DT  B . n 
B 1 9  DC  9  19 19 DC  DC  B . n 
B 1 10 DG  10 20 20 DG  DG  B . n 
# 
loop_
_pdbx_nonpoly_scheme.asym_id 
_pdbx_nonpoly_scheme.entity_id 
_pdbx_nonpoly_scheme.mon_id 
_pdbx_nonpoly_scheme.ndb_seq_num 
_pdbx_nonpoly_scheme.pdb_seq_num 
_pdbx_nonpoly_scheme.auth_seq_num 
_pdbx_nonpoly_scheme.pdb_mon_id 
_pdbx_nonpoly_scheme.auth_mon_id 
_pdbx_nonpoly_scheme.pdb_strand_id 
_pdbx_nonpoly_scheme.pdb_ins_code 
C 2 CL  1  21 21 CL  CL  B . 
D 3 MG  1  22 22 MG  MG  B . 
E 3 MG  1  23 23 MG  MG  B . 
F 4 HOH 1  24 24 HOH HOH A . 
F 4 HOH 2  25 25 HOH HOH A . 
F 4 HOH 3  26 26 HOH HOH A . 
F 4 HOH 4  29 29 HOH HOH A . 
F 4 HOH 5  31 31 HOH HOH A . 
F 4 HOH 6  34 34 HOH HOH A . 
F 4 HOH 7  39 39 HOH HOH A . 
F 4 HOH 8  47 47 HOH HOH A . 
F 4 HOH 9  50 50 HOH HOH A . 
F 4 HOH 10 52 52 HOH HOH A . 
F 4 HOH 11 53 53 HOH HOH A . 
F 4 HOH 12 56 56 HOH HOH A . 
F 4 HOH 13 57 57 HOH HOH A . 
F 4 HOH 14 58 58 HOH HOH A . 
F 4 HOH 15 62 62 HOH HOH A . 
F 4 HOH 16 64 64 HOH HOH A . 
F 4 HOH 17 66 66 HOH HOH A . 
F 4 HOH 18 67 67 HOH HOH A . 
F 4 HOH 19 68 68 HOH HOH A . 
G 4 HOH 1  27 27 HOH HOH B . 
G 4 HOH 2  28 28 HOH HOH B . 
G 4 HOH 3  30 30 HOH HOH B . 
G 4 HOH 4  32 32 HOH HOH B . 
G 4 HOH 5  33 33 HOH HOH B . 
G 4 HOH 6  35 35 HOH HOH B . 
G 4 HOH 7  36 36 HOH HOH B . 
G 4 HOH 8  37 37 HOH HOH B . 
G 4 HOH 9  38 38 HOH HOH B . 
G 4 HOH 10 40 40 HOH HOH B . 
G 4 HOH 11 41 41 HOH HOH B . 
G 4 HOH 12 42 42 HOH HOH B . 
G 4 HOH 13 43 43 HOH HOH B . 
G 4 HOH 14 44 44 HOH HOH B . 
G 4 HOH 15 45 45 HOH HOH B . 
G 4 HOH 16 46 46 HOH HOH B . 
G 4 HOH 17 48 48 HOH HOH B . 
G 4 HOH 18 49 49 HOH HOH B . 
G 4 HOH 19 51 51 HOH HOH B . 
G 4 HOH 20 54 54 HOH HOH B . 
G 4 HOH 21 55 55 HOH HOH B . 
G 4 HOH 22 59 59 HOH HOH B . 
G 4 HOH 23 60 60 HOH HOH B . 
G 4 HOH 24 61 61 HOH HOH B . 
G 4 HOH 25 63 63 HOH HOH B . 
G 4 HOH 26 65 65 HOH HOH B . 
G 4 HOH 27 69 69 HOH HOH B . 
G 4 HOH 28 70 70 HOH HOH B . 
G 4 HOH 29 71 71 HOH HOH B . 
G 4 HOH 30 72 72 HOH HOH B . 
G 4 HOH 31 73 73 HOH HOH B . 
G 4 HOH 32 74 74 HOH HOH B . 
G 4 HOH 33 75 75 HOH HOH B . 
G 4 HOH 34 76 76 HOH HOH B . 
# 
_software.name             NUCLSQ 
_software.classification   refinement 
_software.version          . 
_software.citation_id      ? 
_software.pdbx_ordinal     1 
# 
_cell.entry_id           1DA3 
_cell.length_a           33.378 
_cell.length_b           33.378 
_cell.length_c           98.302 
_cell.angle_alpha        90.00 
_cell.angle_beta         90.00 
_cell.angle_gamma        120.00 
_cell.Z_PDB              12 
_cell.pdbx_unique_axis   ? 
# 
_symmetry.entry_id                         1DA3 
_symmetry.space_group_name_H-M             'P 32 2 1' 
_symmetry.pdbx_full_space_group_name_H-M   ? 
_symmetry.cell_setting                     ? 
_symmetry.Int_Tables_number                154 
# 
_exptl.entry_id          1DA3 
_exptl.method            'X-RAY DIFFRACTION' 
_exptl.crystals_number   ? 
# 
_exptl_crystal.id                    1 
_exptl_crystal.density_meas          ? 
_exptl_crystal.density_Matthews      2.58 
_exptl_crystal.density_percent_sol   52.39 
_exptl_crystal.description           ? 
# 
_exptl_crystal_grow.crystal_id      1 
_exptl_crystal_grow.method          'VAPOR DIFFUSION, SITTING DROP' 
_exptl_crystal_grow.temp            277.00 
_exptl_crystal_grow.temp_details    ? 
_exptl_crystal_grow.pH              ? 
_exptl_crystal_grow.pdbx_details    'VAPOR DIFFUSION, SITTING DROP, temperature 277.00K' 
_exptl_crystal_grow.pdbx_pH_range   ? 
# 
loop_
_exptl_crystal_grow_comp.crystal_id 
_exptl_crystal_grow_comp.id 
_exptl_crystal_grow_comp.sol_id 
_exptl_crystal_grow_comp.name 
_exptl_crystal_grow_comp.volume 
_exptl_crystal_grow_comp.conc 
_exptl_crystal_grow_comp.details 
1 1 1 WATER ? ? ? 
1 2 1 MPD   ? ? ? 
1 3 1 MGCL2 ? ? ? 
1 4 2 WATER ? ? ? 
1 5 2 MPD   ? ? ? 
# 
_diffrn.id                     1 
_diffrn.ambient_temp           273.00 
_diffrn.ambient_temp_details   ? 
_diffrn.crystal_id             1 
# 
_diffrn_detector.diffrn_id              1 
_diffrn_detector.detector               DIFFRACTOMETER 
_diffrn_detector.type                   'RIGAKU AFC-5R' 
_diffrn_detector.pdbx_collection_date   ? 
_diffrn_detector.details                ? 
# 
_diffrn_radiation.diffrn_id                        1 
_diffrn_radiation.wavelength_id                    1 
_diffrn_radiation.pdbx_monochromatic_or_laue_m_l   ? 
_diffrn_radiation.monochromator                    ? 
_diffrn_radiation.pdbx_diffrn_protocol             ? 
_diffrn_radiation.pdbx_scattering_type             x-ray 
# 
_diffrn_radiation_wavelength.id           1 
_diffrn_radiation_wavelength.wavelength   . 
_diffrn_radiation_wavelength.wt           1.0 
# 
_diffrn_source.diffrn_id                   1 
_diffrn_source.source                      'ROTATING ANODE' 
_diffrn_source.type                        RIGAKU 
_diffrn_source.pdbx_synchrotron_site       ? 
_diffrn_source.pdbx_synchrotron_beamline   ? 
_diffrn_source.pdbx_wavelength             ? 
_diffrn_source.pdbx_wavelength_list        ? 
# 
_reflns.entry_id                     1DA3 
_reflns.observed_criterion_sigma_I   2.000 
_reflns.observed_criterion_sigma_F   ? 
_reflns.d_resolution_low             8.000 
_reflns.d_resolution_high            2.000 
_reflns.number_obs                   2282 
_reflns.number_all                   ? 
_reflns.percent_possible_obs         ? 
_reflns.pdbx_Rmerge_I_obs            ? 
_reflns.pdbx_Rsym_value              ? 
_reflns.pdbx_netI_over_sigmaI        ? 
_reflns.B_iso_Wilson_estimate        ? 
_reflns.pdbx_redundancy              ? 
_reflns.pdbx_diffrn_id               1 
_reflns.pdbx_ordinal                 1 
# 
_refine.entry_id                                 1DA3 
_refine.ls_number_reflns_obs                     2282 
_refine.ls_number_reflns_all                     ? 
_refine.pdbx_ls_sigma_I                          ? 
_refine.pdbx_ls_sigma_F                          2.000 
_refine.pdbx_data_cutoff_high_absF               ? 
_refine.pdbx_data_cutoff_low_absF                ? 
_refine.pdbx_data_cutoff_high_rms_absF           ? 
_refine.ls_d_res_low                             8.000 
_refine.ls_d_res_high                            2.000 
_refine.ls_percent_reflns_obs                    ? 
_refine.ls_R_factor_obs                          0.172 
_refine.ls_R_factor_all                          ? 
_refine.ls_R_factor_R_work                       ? 
_refine.ls_R_factor_R_free                       ? 
_refine.ls_R_factor_R_free_error                 ? 
_refine.ls_R_factor_R_free_error_details         ? 
_refine.ls_percent_reflns_R_free                 ? 
_refine.ls_number_reflns_R_free                  ? 
_refine.ls_number_parameters                     ? 
_refine.ls_number_restraints                     ? 
_refine.occupancy_min                            ? 
_refine.occupancy_max                            ? 
_refine.B_iso_mean                               ? 
_refine.aniso_B[1][1]                            ? 
_refine.aniso_B[2][2]                            ? 
_refine.aniso_B[3][3]                            ? 
_refine.aniso_B[1][2]                            ? 
_refine.aniso_B[1][3]                            ? 
_refine.aniso_B[2][3]                            ? 
_refine.solvent_model_details                    ? 
_refine.solvent_model_param_ksol                 ? 
_refine.solvent_model_param_bsol                 ? 
_refine.pdbx_ls_cross_valid_method               ? 
_refine.details                                  ? 
_refine.pdbx_starting_model                      ? 
_refine.pdbx_method_to_determine_struct          ? 
_refine.pdbx_isotropic_thermal_model             ? 
_refine.pdbx_stereochemistry_target_values       ? 
_refine.pdbx_stereochem_target_val_spec_case     ? 
_refine.pdbx_R_Free_selection_details            ? 
_refine.pdbx_overall_ESU_R                       ? 
_refine.pdbx_overall_ESU_R_Free                  ? 
_refine.overall_SU_ML                            ? 
_refine.overall_SU_B                             ? 
_refine.pdbx_refine_id                           'X-RAY DIFFRACTION' 
_refine.pdbx_diffrn_id                           1 
_refine.pdbx_TLS_residual_ADP_flag               ? 
_refine.correlation_coeff_Fo_to_Fc               ? 
_refine.correlation_coeff_Fo_to_Fc_free          ? 
_refine.pdbx_solvent_vdw_probe_radii             ? 
_refine.pdbx_solvent_ion_probe_radii             ? 
_refine.pdbx_solvent_shrinkage_radii             ? 
_refine.pdbx_overall_phase_error                 ? 
_refine.overall_SU_R_Cruickshank_DPI             ? 
_refine.pdbx_overall_SU_R_free_Cruickshank_DPI   ? 
_refine.pdbx_overall_SU_R_Blow_DPI               ? 
_refine.pdbx_overall_SU_R_free_Blow_DPI          ? 
# 
_refine_hist.pdbx_refine_id                   'X-RAY DIFFRACTION' 
_refine_hist.cycle_id                         LAST 
_refine_hist.pdbx_number_atoms_protein        0 
_refine_hist.pdbx_number_atoms_nucleic_acid   406 
_refine_hist.pdbx_number_atoms_ligand         3 
_refine_hist.number_atoms_solvent             53 
_refine_hist.number_atoms_total               462 
_refine_hist.d_res_high                       2.000 
_refine_hist.d_res_low                        8.000 
# 
loop_
_refine_ls_restr.type 
_refine_ls_restr.dev_ideal 
_refine_ls_restr.dev_ideal_target 
_refine_ls_restr.weight 
_refine_ls_restr.number 
_refine_ls_restr.pdbx_refine_id 
_refine_ls_restr.pdbx_restraint_function 
n_bond_d               0.017 ? ? ? 'X-RAY DIFFRACTION' ? 
n_angle_d              ?     ? ? ? 'X-RAY DIFFRACTION' ? 
n_planar_d             ?     ? ? ? 'X-RAY DIFFRACTION' ? 
n_hb_or_metal_coord    ?     ? ? ? 'X-RAY DIFFRACTION' ? 
n_sugar_bond_it        ?     ? ? ? 'X-RAY DIFFRACTION' ? 
n_sugar_angle_it       ?     ? ? ? 'X-RAY DIFFRACTION' ? 
n_phos_bond_it         ?     ? ? ? 'X-RAY DIFFRACTION' ? 
n_phos_angle_it        ?     ? ? ? 'X-RAY DIFFRACTION' ? 
n_bond_angle_restr     ?     ? ? ? 'X-RAY DIFFRACTION' ? 
n_dihedral_angle_restr ?     ? ? ? 'X-RAY DIFFRACTION' ? 
n_impr_tor             ?     ? ? ? 'X-RAY DIFFRACTION' ? 
n_sugar_bond_d         ?     ? ? ? 'X-RAY DIFFRACTION' ? 
n_sugar_bond_angle_d   ?     ? ? ? 'X-RAY DIFFRACTION' ? 
n_phos_bond_d          ?     ? ? ? 'X-RAY DIFFRACTION' ? 
n_phos_bond_angle_d    ?     ? ? ? 'X-RAY DIFFRACTION' ? 
n_plane_restr          ?     ? ? ? 'X-RAY DIFFRACTION' ? 
n_chiral_restr         ?     ? ? ? 'X-RAY DIFFRACTION' ? 
n_singtor_nbd          ?     ? ? ? 'X-RAY DIFFRACTION' ? 
n_multtor_nbd          ?     ? ? ? 'X-RAY DIFFRACTION' ? 
n_xhyhbond_nbd         ?     ? ? ? 'X-RAY DIFFRACTION' ? 
# 
_struct.entry_id                  1DA3 
_struct.title                     
'THE CRYSTAL STRUCTURE OF THE TRIGONAL DECAMER C-G-A-T-C-G-6MEA-T-C-G: A B-DNA HELIX WITH 10.6 BASE-PAIRS PER TURN' 
_struct.pdbx_model_details        ? 
_struct.pdbx_CASP_flag            ? 
_struct.pdbx_model_type_details   ? 
# 
_struct_keywords.entry_id        1DA3 
_struct_keywords.pdbx_keywords   DNA 
_struct_keywords.text            'B-DNA, DOUBLE HELIX, MODIFIED, DNA' 
# 
loop_
_struct_asym.id 
_struct_asym.pdbx_blank_PDB_chainid_flag 
_struct_asym.pdbx_modified 
_struct_asym.entity_id 
_struct_asym.details 
A N N 1 ? 
B N N 1 ? 
C N N 2 ? 
D N N 3 ? 
E N N 3 ? 
F N N 4 ? 
G N N 4 ? 
# 
_struct_ref.id                         1 
_struct_ref.entity_id                  1 
_struct_ref.db_name                    PDB 
_struct_ref.db_code                    1DA3 
_struct_ref.pdbx_db_accession          1DA3 
_struct_ref.pdbx_db_isoform            ? 
_struct_ref.pdbx_seq_one_letter_code   ? 
_struct_ref.pdbx_align_begin           ? 
# 
loop_
_struct_ref_seq.align_id 
_struct_ref_seq.ref_id 
_struct_ref_seq.pdbx_PDB_id_code 
_struct_ref_seq.pdbx_strand_id 
_struct_ref_seq.seq_align_beg 
_struct_ref_seq.pdbx_seq_align_beg_ins_code 
_struct_ref_seq.seq_align_end 
_struct_ref_seq.pdbx_seq_align_end_ins_code 
_struct_ref_seq.pdbx_db_accession 
_struct_ref_seq.db_align_beg 
_struct_ref_seq.pdbx_db_align_beg_ins_code 
_struct_ref_seq.db_align_end 
_struct_ref_seq.pdbx_db_align_end_ins_code 
_struct_ref_seq.pdbx_auth_seq_align_beg 
_struct_ref_seq.pdbx_auth_seq_align_end 
1 1 1DA3 A 1 ? 10 ? 1DA3 1  ? 10 ? 1  10 
2 1 1DA3 B 1 ? 10 ? 1DA3 11 ? 20 ? 11 20 
# 
_pdbx_struct_assembly.id                   1 
_pdbx_struct_assembly.details              author_defined_assembly 
_pdbx_struct_assembly.method_details       ? 
_pdbx_struct_assembly.oligomeric_details   dimeric 
_pdbx_struct_assembly.oligomeric_count     2 
# 
_pdbx_struct_assembly_gen.assembly_id       1 
_pdbx_struct_assembly_gen.oper_expression   1 
_pdbx_struct_assembly_gen.asym_id_list      A,B,C,D,E,F,G 
# 
_pdbx_struct_oper_list.id                   1 
_pdbx_struct_oper_list.type                 'identity operation' 
_pdbx_struct_oper_list.name                 1_555 
_pdbx_struct_oper_list.symmetry_operation   x,y,z 
_pdbx_struct_oper_list.matrix[1][1]         1.0000000000 
_pdbx_struct_oper_list.matrix[1][2]         0.0000000000 
_pdbx_struct_oper_list.matrix[1][3]         0.0000000000 
_pdbx_struct_oper_list.vector[1]            0.0000000000 
_pdbx_struct_oper_list.matrix[2][1]         0.0000000000 
_pdbx_struct_oper_list.matrix[2][2]         1.0000000000 
_pdbx_struct_oper_list.matrix[2][3]         0.0000000000 
_pdbx_struct_oper_list.vector[2]            0.0000000000 
_pdbx_struct_oper_list.matrix[3][1]         0.0000000000 
_pdbx_struct_oper_list.matrix[3][2]         0.0000000000 
_pdbx_struct_oper_list.matrix[3][3]         1.0000000000 
_pdbx_struct_oper_list.vector[3]            0.0000000000 
# 
_struct_biol.id   1 
# 
loop_
_struct_conn.id 
_struct_conn.conn_type_id 
_struct_conn.pdbx_leaving_atom_flag 
_struct_conn.pdbx_PDB_id 
_struct_conn.ptnr1_label_asym_id 
_struct_conn.ptnr1_label_comp_id 
_struct_conn.ptnr1_label_seq_id 
_struct_conn.ptnr1_label_atom_id 
_struct_conn.pdbx_ptnr1_label_alt_id 
_struct_conn.pdbx_ptnr1_PDB_ins_code 
_struct_conn.pdbx_ptnr1_standard_comp_id 
_struct_conn.ptnr1_symmetry 
_struct_conn.ptnr2_label_asym_id 
_struct_conn.ptnr2_label_comp_id 
_struct_conn.ptnr2_label_seq_id 
_struct_conn.ptnr2_label_atom_id 
_struct_conn.pdbx_ptnr2_label_alt_id 
_struct_conn.pdbx_ptnr2_PDB_ins_code 
_struct_conn.ptnr1_auth_asym_id 
_struct_conn.ptnr1_auth_comp_id 
_struct_conn.ptnr1_auth_seq_id 
_struct_conn.ptnr2_auth_asym_id 
_struct_conn.ptnr2_auth_comp_id 
_struct_conn.ptnr2_auth_seq_id 
_struct_conn.ptnr2_symmetry 
_struct_conn.pdbx_ptnr3_label_atom_id 
_struct_conn.pdbx_ptnr3_label_seq_id 
_struct_conn.pdbx_ptnr3_label_comp_id 
_struct_conn.pdbx_ptnr3_label_asym_id 
_struct_conn.pdbx_ptnr3_label_alt_id 
_struct_conn.pdbx_ptnr3_PDB_ins_code 
_struct_conn.details 
_struct_conn.pdbx_dist_value 
_struct_conn.pdbx_value_order 
_struct_conn.pdbx_role 
covale1  covale both ? A DG  6  "O3'" ? ? ? 1_555 A 6MA 7  P  ? ? A DG  6  A 6MA 7  1_555 ? ? ? ? ? ? ?            1.621 ? ? 
covale2  covale both ? A 6MA 7  "O3'" ? ? ? 1_555 A DT  8  P  ? ? A 6MA 7  A DT  8  1_555 ? ? ? ? ? ? ?            1.655 ? ? 
covale3  covale both ? B DG  6  "O3'" ? ? ? 1_555 B 6MA 7  P  ? ? B DG  16 B 6MA 17 1_555 ? ? ? ? ? ? ?            1.570 ? ? 
covale4  covale both ? B 6MA 7  "O3'" ? ? ? 1_555 B DT  8  P  ? ? B 6MA 17 B DT  18 1_555 ? ? ? ? ? ? ?            1.597 ? ? 
metalc1  metalc ?    ? B DG  6  OP1   ? ? ? 1_555 E MG  .  MG ? ? B DG  16 B MG  23 1_555 ? ? ? ? ? ? ?            2.374 ? ? 
metalc2  metalc ?    ? D MG  .  MG    ? ? ? 4_555 G HOH .  O  ? ? B MG  22 B HOH 69 1_555 ? ? ? ? ? ? ?            1.992 ? ? 
metalc3  metalc ?    ? D MG  .  MG    ? ? ? 1_555 G HOH .  O  ? ? B MG  22 B HOH 69 1_555 ? ? ? ? ? ? ?            1.992 ? ? 
metalc4  metalc ?    ? D MG  .  MG    ? ? ? 4_555 G HOH .  O  ? ? B MG  22 B HOH 70 1_555 ? ? ? ? ? ? ?            2.071 ? ? 
metalc5  metalc ?    ? D MG  .  MG    ? ? ? 1_555 G HOH .  O  ? ? B MG  22 B HOH 70 1_555 ? ? ? ? ? ? ?            2.071 ? ? 
metalc6  metalc ?    ? D MG  .  MG    ? ? ? 1_555 G HOH .  O  ? ? B MG  22 B HOH 71 1_555 ? ? ? ? ? ? ?            2.087 ? ? 
metalc7  metalc ?    ? E MG  .  MG    ? ? ? 1_555 G HOH .  O  ? ? B MG  23 B HOH 72 1_555 ? ? ? ? ? ? ?            2.090 ? ? 
metalc8  metalc ?    ? E MG  .  MG    ? ? ? 1_555 G HOH .  O  ? ? B MG  23 B HOH 73 1_555 ? ? ? ? ? ? ?            1.932 ? ? 
metalc9  metalc ?    ? E MG  .  MG    ? ? ? 1_555 G HOH .  O  ? ? B MG  23 B HOH 74 1_555 ? ? ? ? ? ? ?            2.029 ? ? 
metalc10 metalc ?    ? E MG  .  MG    ? ? ? 1_555 G HOH .  O  ? ? B MG  23 B HOH 75 1_555 ? ? ? ? ? ? ?            2.050 ? ? 
metalc11 metalc ?    ? E MG  .  MG    ? ? ? 1_555 G HOH .  O  ? ? B MG  23 B HOH 76 1_555 ? ? ? ? ? ? ?            2.010 ? ? 
hydrog1  hydrog ?    ? A DC  1  N3    ? ? ? 1_555 B DG  10 N1 ? ? A DC  1  B DG  20 1_555 ? ? ? ? ? ? WATSON-CRICK ?     ? ? 
hydrog2  hydrog ?    ? A DC  1  N4    ? ? ? 1_555 B DG  10 O6 ? ? A DC  1  B DG  20 1_555 ? ? ? ? ? ? WATSON-CRICK ?     ? ? 
hydrog3  hydrog ?    ? A DC  1  O2    ? ? ? 1_555 B DG  10 N2 ? ? A DC  1  B DG  20 1_555 ? ? ? ? ? ? WATSON-CRICK ?     ? ? 
hydrog4  hydrog ?    ? A DG  2  N1    ? ? ? 1_555 B DC  9  N3 ? ? A DG  2  B DC  19 1_555 ? ? ? ? ? ? WATSON-CRICK ?     ? ? 
hydrog5  hydrog ?    ? A DG  2  N2    ? ? ? 1_555 B DC  9  O2 ? ? A DG  2  B DC  19 1_555 ? ? ? ? ? ? WATSON-CRICK ?     ? ? 
hydrog6  hydrog ?    ? A DG  2  O6    ? ? ? 1_555 B DC  9  N4 ? ? A DG  2  B DC  19 1_555 ? ? ? ? ? ? WATSON-CRICK ?     ? ? 
hydrog7  hydrog ?    ? A DA  3  N1    ? ? ? 1_555 B DT  8  N3 ? ? A DA  3  B DT  18 1_555 ? ? ? ? ? ? WATSON-CRICK ?     ? ? 
hydrog8  hydrog ?    ? A DA  3  N6    ? ? ? 1_555 B DT  8  O4 ? ? A DA  3  B DT  18 1_555 ? ? ? ? ? ? WATSON-CRICK ?     ? ? 
hydrog9  hydrog ?    ? A DT  4  N3    ? ? ? 1_555 B 6MA 7  N1 ? ? A DT  4  B 6MA 17 1_555 ? ? ? ? ? ? WATSON-CRICK ?     ? ? 
hydrog10 hydrog ?    ? A DT  4  O4    ? ? ? 1_555 B 6MA 7  N6 ? ? A DT  4  B 6MA 17 1_555 ? ? ? ? ? ? WATSON-CRICK ?     ? ? 
hydrog11 hydrog ?    ? A DC  5  N3    ? ? ? 1_555 B DG  6  N1 ? ? A DC  5  B DG  16 1_555 ? ? ? ? ? ? WATSON-CRICK ?     ? ? 
hydrog12 hydrog ?    ? A DC  5  N4    ? ? ? 1_555 B DG  6  O6 ? ? A DC  5  B DG  16 1_555 ? ? ? ? ? ? WATSON-CRICK ?     ? ? 
hydrog13 hydrog ?    ? A DC  5  O2    ? ? ? 1_555 B DG  6  N2 ? ? A DC  5  B DG  16 1_555 ? ? ? ? ? ? WATSON-CRICK ?     ? ? 
hydrog14 hydrog ?    ? A DG  6  N1    ? ? ? 1_555 B DC  5  N3 ? ? A DG  6  B DC  15 1_555 ? ? ? ? ? ? WATSON-CRICK ?     ? ? 
hydrog15 hydrog ?    ? A DG  6  N2    ? ? ? 1_555 B DC  5  O2 ? ? A DG  6  B DC  15 1_555 ? ? ? ? ? ? WATSON-CRICK ?     ? ? 
hydrog16 hydrog ?    ? A DG  6  O6    ? ? ? 1_555 B DC  5  N4 ? ? A DG  6  B DC  15 1_555 ? ? ? ? ? ? WATSON-CRICK ?     ? ? 
hydrog17 hydrog ?    ? A 6MA 7  N1    ? ? ? 1_555 B DT  4  N3 ? ? A 6MA 7  B DT  14 1_555 ? ? ? ? ? ? WATSON-CRICK ?     ? ? 
hydrog18 hydrog ?    ? A 6MA 7  N6    ? ? ? 1_555 B DT  4  O4 ? ? A 6MA 7  B DT  14 1_555 ? ? ? ? ? ? WATSON-CRICK ?     ? ? 
hydrog19 hydrog ?    ? A DT  8  N3    ? ? ? 1_555 B DA  3  N1 ? ? A DT  8  B DA  13 1_555 ? ? ? ? ? ? WATSON-CRICK ?     ? ? 
hydrog20 hydrog ?    ? A DT  8  O4    ? ? ? 1_555 B DA  3  N6 ? ? A DT  8  B DA  13 1_555 ? ? ? ? ? ? WATSON-CRICK ?     ? ? 
hydrog21 hydrog ?    ? A DC  9  N3    ? ? ? 1_555 B DG  2  N1 ? ? A DC  9  B DG  12 1_555 ? ? ? ? ? ? WATSON-CRICK ?     ? ? 
hydrog22 hydrog ?    ? A DC  9  N4    ? ? ? 1_555 B DG  2  O6 ? ? A DC  9  B DG  12 1_555 ? ? ? ? ? ? WATSON-CRICK ?     ? ? 
hydrog23 hydrog ?    ? A DC  9  O2    ? ? ? 1_555 B DG  2  N2 ? ? A DC  9  B DG  12 1_555 ? ? ? ? ? ? WATSON-CRICK ?     ? ? 
hydrog24 hydrog ?    ? A DG  10 N1    ? ? ? 1_555 B DC  1  N3 ? ? A DG  10 B DC  11 1_555 ? ? ? ? ? ? WATSON-CRICK ?     ? ? 
hydrog25 hydrog ?    ? A DG  10 N2    ? ? ? 1_555 B DC  1  O2 ? ? A DG  10 B DC  11 1_555 ? ? ? ? ? ? WATSON-CRICK ?     ? ? 
hydrog26 hydrog ?    ? A DG  10 O6    ? ? ? 1_555 B DC  1  N4 ? ? A DG  10 B DC  11 1_555 ? ? ? ? ? ? WATSON-CRICK ?     ? ? 
# 
loop_
_struct_conn_type.id 
_struct_conn_type.criteria 
_struct_conn_type.reference 
covale ? ? 
metalc ? ? 
hydrog ? ? 
# 
loop_
_pdbx_struct_conn_angle.id 
_pdbx_struct_conn_angle.ptnr1_label_atom_id 
_pdbx_struct_conn_angle.ptnr1_label_alt_id 
_pdbx_struct_conn_angle.ptnr1_label_asym_id 
_pdbx_struct_conn_angle.ptnr1_label_comp_id 
_pdbx_struct_conn_angle.ptnr1_label_seq_id 
_pdbx_struct_conn_angle.ptnr1_auth_atom_id 
_pdbx_struct_conn_angle.ptnr1_auth_asym_id 
_pdbx_struct_conn_angle.ptnr1_auth_comp_id 
_pdbx_struct_conn_angle.ptnr1_auth_seq_id 
_pdbx_struct_conn_angle.ptnr1_PDB_ins_code 
_pdbx_struct_conn_angle.ptnr1_symmetry 
_pdbx_struct_conn_angle.ptnr2_label_atom_id 
_pdbx_struct_conn_angle.ptnr2_label_alt_id 
_pdbx_struct_conn_angle.ptnr2_label_asym_id 
_pdbx_struct_conn_angle.ptnr2_label_comp_id 
_pdbx_struct_conn_angle.ptnr2_label_seq_id 
_pdbx_struct_conn_angle.ptnr2_auth_atom_id 
_pdbx_struct_conn_angle.ptnr2_auth_asym_id 
_pdbx_struct_conn_angle.ptnr2_auth_comp_id 
_pdbx_struct_conn_angle.ptnr2_auth_seq_id 
_pdbx_struct_conn_angle.ptnr2_PDB_ins_code 
_pdbx_struct_conn_angle.ptnr2_symmetry 
_pdbx_struct_conn_angle.ptnr3_label_atom_id 
_pdbx_struct_conn_angle.ptnr3_label_alt_id 
_pdbx_struct_conn_angle.ptnr3_label_asym_id 
_pdbx_struct_conn_angle.ptnr3_label_comp_id 
_pdbx_struct_conn_angle.ptnr3_label_seq_id 
_pdbx_struct_conn_angle.ptnr3_auth_atom_id 
_pdbx_struct_conn_angle.ptnr3_auth_asym_id 
_pdbx_struct_conn_angle.ptnr3_auth_comp_id 
_pdbx_struct_conn_angle.ptnr3_auth_seq_id 
_pdbx_struct_conn_angle.ptnr3_PDB_ins_code 
_pdbx_struct_conn_angle.ptnr3_symmetry 
_pdbx_struct_conn_angle.value 
_pdbx_struct_conn_angle.value_esd 
1  OP1 ? B DG  6 ? B DG  16 ? 1_555 MG ? E MG . ? B MG 23 ? 1_555 O ? G HOH . ? B HOH 72 ? 1_555 174.8 ? 
2  OP1 ? B DG  6 ? B DG  16 ? 1_555 MG ? E MG . ? B MG 23 ? 1_555 O ? G HOH . ? B HOH 73 ? 1_555 87.7  ? 
3  O   ? G HOH . ? B HOH 72 ? 1_555 MG ? E MG . ? B MG 23 ? 1_555 O ? G HOH . ? B HOH 73 ? 1_555 90.3  ? 
4  OP1 ? B DG  6 ? B DG  16 ? 1_555 MG ? E MG . ? B MG 23 ? 1_555 O ? G HOH . ? B HOH 74 ? 1_555 95.2  ? 
5  O   ? G HOH . ? B HOH 72 ? 1_555 MG ? E MG . ? B MG 23 ? 1_555 O ? G HOH . ? B HOH 74 ? 1_555 86.9  ? 
6  O   ? G HOH . ? B HOH 73 ? 1_555 MG ? E MG . ? B MG 23 ? 1_555 O ? G HOH . ? B HOH 74 ? 1_555 177.1 ? 
7  OP1 ? B DG  6 ? B DG  16 ? 1_555 MG ? E MG . ? B MG 23 ? 1_555 O ? G HOH . ? B HOH 75 ? 1_555 85.6  ? 
8  O   ? G HOH . ? B HOH 72 ? 1_555 MG ? E MG . ? B MG 23 ? 1_555 O ? G HOH . ? B HOH 75 ? 1_555 89.7  ? 
9  O   ? G HOH . ? B HOH 73 ? 1_555 MG ? E MG . ? B MG 23 ? 1_555 O ? G HOH . ? B HOH 75 ? 1_555 92.6  ? 
10 O   ? G HOH . ? B HOH 74 ? 1_555 MG ? E MG . ? B MG 23 ? 1_555 O ? G HOH . ? B HOH 75 ? 1_555 88.1  ? 
11 OP1 ? B DG  6 ? B DG  16 ? 1_555 MG ? E MG . ? B MG 23 ? 1_555 O ? G HOH . ? B HOH 76 ? 1_555 95.0  ? 
12 O   ? G HOH . ? B HOH 72 ? 1_555 MG ? E MG . ? B MG 23 ? 1_555 O ? G HOH . ? B HOH 76 ? 1_555 89.9  ? 
13 O   ? G HOH . ? B HOH 73 ? 1_555 MG ? E MG . ? B MG 23 ? 1_555 O ? G HOH . ? B HOH 76 ? 1_555 92.2  ? 
14 O   ? G HOH . ? B HOH 74 ? 1_555 MG ? E MG . ? B MG 23 ? 1_555 O ? G HOH . ? B HOH 76 ? 1_555 87.1  ? 
15 O   ? G HOH . ? B HOH 75 ? 1_555 MG ? E MG . ? B MG 23 ? 1_555 O ? G HOH . ? B HOH 76 ? 1_555 175.2 ? 
16 O   ? G HOH . ? B HOH 69 ? 1_555 MG ? D MG . ? B MG 22 ? 4_555 O ? G HOH . ? B HOH 69 ? 1_555 0.0   ? 
17 O   ? G HOH . ? B HOH 69 ? 1_555 MG ? D MG . ? B MG 22 ? 4_555 O ? G HOH . ? B HOH 70 ? 1_555 94.9  ? 
18 O   ? G HOH . ? B HOH 69 ? 1_555 MG ? D MG . ? B MG 22 ? 4_555 O ? G HOH . ? B HOH 70 ? 1_555 94.9  ? 
19 O   ? G HOH . ? B HOH 69 ? 1_555 MG ? D MG . ? B MG 22 ? 4_555 O ? G HOH . ? B HOH 70 ? 1_555 94.9  ? 
20 O   ? G HOH . ? B HOH 69 ? 1_555 MG ? D MG . ? B MG 22 ? 4_555 O ? G HOH . ? B HOH 70 ? 1_555 94.9  ? 
21 O   ? G HOH . ? B HOH 70 ? 1_555 MG ? D MG . ? B MG 22 ? 4_555 O ? G HOH . ? B HOH 70 ? 1_555 0.0   ? 
22 O   ? G HOH . ? B HOH 69 ? 1_555 MG ? D MG . ? B MG 22 ? 4_555 O ? G HOH . ? B HOH 71 ? 1_555 89.1  ? 
23 O   ? G HOH . ? B HOH 69 ? 1_555 MG ? D MG . ? B MG 22 ? 4_555 O ? G HOH . ? B HOH 71 ? 1_555 89.1  ? 
24 O   ? G HOH . ? B HOH 70 ? 1_555 MG ? D MG . ? B MG 22 ? 4_555 O ? G HOH . ? B HOH 71 ? 1_555 86.3  ? 
25 O   ? G HOH . ? B HOH 70 ? 1_555 MG ? D MG . ? B MG 22 ? 4_555 O ? G HOH . ? B HOH 71 ? 1_555 86.3  ? 
# 
loop_
_struct_site.id 
_struct_site.pdbx_evidence_code 
_struct_site.pdbx_auth_asym_id 
_struct_site.pdbx_auth_comp_id 
_struct_site.pdbx_auth_seq_id 
_struct_site.pdbx_auth_ins_code 
_struct_site.pdbx_num_residues 
_struct_site.details 
AC1 Software B CL 21 ? 6 'BINDING SITE FOR RESIDUE CL B 21' 
AC2 Software B MG 22 ? 6 'BINDING SITE FOR RESIDUE MG B 22' 
AC3 Software B MG 23 ? 6 'BINDING SITE FOR RESIDUE MG B 23' 
# 
loop_
_struct_site_gen.id 
_struct_site_gen.site_id 
_struct_site_gen.pdbx_num_res 
_struct_site_gen.label_comp_id 
_struct_site_gen.label_asym_id 
_struct_site_gen.label_seq_id 
_struct_site_gen.pdbx_auth_ins_code 
_struct_site_gen.auth_comp_id 
_struct_site_gen.auth_asym_id 
_struct_site_gen.auth_seq_id 
_struct_site_gen.label_atom_id 
_struct_site_gen.label_alt_id 
_struct_site_gen.symmetry 
_struct_site_gen.details 
1  AC1 6 DT  B 8 ? DT  B 18 . ? 4_555 ? 
2  AC1 6 DT  B 8 ? DT  B 18 . ? 1_555 ? 
3  AC1 6 HOH G . ? HOH B 44 . ? 1_555 ? 
4  AC1 6 HOH G . ? HOH B 44 . ? 4_555 ? 
5  AC1 6 HOH G . ? HOH B 51 . ? 4_555 ? 
6  AC1 6 HOH G . ? HOH B 51 . ? 1_555 ? 
7  AC2 6 HOH G . ? HOH B 69 . ? 4_555 ? 
8  AC2 6 HOH G . ? HOH B 69 . ? 1_555 ? 
9  AC2 6 HOH G . ? HOH B 70 . ? 4_555 ? 
10 AC2 6 HOH G . ? HOH B 70 . ? 1_555 ? 
11 AC2 6 HOH G . ? HOH B 71 . ? 1_555 ? 
12 AC2 6 HOH G . ? HOH B 71 . ? 4_555 ? 
13 AC3 6 DG  B 6 ? DG  B 16 . ? 1_555 ? 
14 AC3 6 HOH G . ? HOH B 72 . ? 1_555 ? 
15 AC3 6 HOH G . ? HOH B 73 . ? 1_555 ? 
16 AC3 6 HOH G . ? HOH B 74 . ? 1_555 ? 
17 AC3 6 HOH G . ? HOH B 75 . ? 1_555 ? 
18 AC3 6 HOH G . ? HOH B 76 . ? 1_555 ? 
# 
loop_
_pdbx_validate_close_contact.id 
_pdbx_validate_close_contact.PDB_model_num 
_pdbx_validate_close_contact.auth_atom_id_1 
_pdbx_validate_close_contact.auth_asym_id_1 
_pdbx_validate_close_contact.auth_comp_id_1 
_pdbx_validate_close_contact.auth_seq_id_1 
_pdbx_validate_close_contact.PDB_ins_code_1 
_pdbx_validate_close_contact.label_alt_id_1 
_pdbx_validate_close_contact.auth_atom_id_2 
_pdbx_validate_close_contact.auth_asym_id_2 
_pdbx_validate_close_contact.auth_comp_id_2 
_pdbx_validate_close_contact.auth_seq_id_2 
_pdbx_validate_close_contact.PDB_ins_code_2 
_pdbx_validate_close_contact.label_alt_id_2 
_pdbx_validate_close_contact.dist 
1 1 O6 A DG 10 ? ? O A HOH 66 ? ? 2.11 
2 1 N4 B DC 11 ? ? O B HOH 65 ? ? 2.18 
# 
loop_
_pdbx_validate_rmsd_bond.id 
_pdbx_validate_rmsd_bond.PDB_model_num 
_pdbx_validate_rmsd_bond.auth_atom_id_1 
_pdbx_validate_rmsd_bond.auth_asym_id_1 
_pdbx_validate_rmsd_bond.auth_comp_id_1 
_pdbx_validate_rmsd_bond.auth_seq_id_1 
_pdbx_validate_rmsd_bond.PDB_ins_code_1 
_pdbx_validate_rmsd_bond.label_alt_id_1 
_pdbx_validate_rmsd_bond.auth_atom_id_2 
_pdbx_validate_rmsd_bond.auth_asym_id_2 
_pdbx_validate_rmsd_bond.auth_comp_id_2 
_pdbx_validate_rmsd_bond.auth_seq_id_2 
_pdbx_validate_rmsd_bond.PDB_ins_code_2 
_pdbx_validate_rmsd_bond.label_alt_id_2 
_pdbx_validate_rmsd_bond.bond_value 
_pdbx_validate_rmsd_bond.bond_target_value 
_pdbx_validate_rmsd_bond.bond_deviation 
_pdbx_validate_rmsd_bond.bond_standard_deviation 
_pdbx_validate_rmsd_bond.linker_flag 
1  1 "O3'" A DG 2  ? ? "C3'" A DG 2  ? ? 1.380 1.419 -0.039 0.006 N 
2  1 N1    A DA 3  ? ? C2    A DA 3  ? ? 1.416 1.339 0.077  0.009 N 
3  1 C4    A DA 3  ? ? C5    A DA 3  ? ? 1.339 1.383 -0.044 0.007 N 
4  1 N7    A DA 3  ? ? C8    A DA 3  ? ? 1.269 1.311 -0.042 0.007 N 
5  1 "O4'" A DT 4  ? ? "C4'" A DT 4  ? ? 1.367 1.446 -0.079 0.010 N 
6  1 "C5'" A DC 5  ? ? "C4'" A DC 5  ? ? 1.559 1.512 0.047  0.007 N 
7  1 N1    A DC 5  ? ? C2    A DC 5  ? ? 1.483 1.397 0.086  0.010 N 
8  1 C2    A DC 5  ? ? N3    A DC 5  ? ? 1.300 1.353 -0.053 0.008 N 
9  1 N3    A DC 5  ? ? C4    A DC 5  ? ? 1.292 1.335 -0.043 0.007 N 
10 1 C4    A DC 5  ? ? C5    A DC 5  ? ? 1.482 1.425 0.057  0.008 N 
11 1 C8    A DG 6  ? ? N9    A DG 6  ? ? 1.422 1.374 0.048  0.007 N 
12 1 "C3'" A DT 8  ? ? "C2'" A DT 8  ? ? 1.462 1.516 -0.054 0.008 N 
13 1 "O4'" A DT 8  ? ? "C4'" A DT 8  ? ? 1.364 1.446 -0.082 0.010 N 
14 1 C6    A DT 8  ? ? N1    A DT 8  ? ? 1.331 1.378 -0.047 0.007 N 
15 1 "O4'" A DC 9  ? ? "C4'" A DC 9  ? ? 1.361 1.446 -0.085 0.010 N 
16 1 "C5'" B DG 12 ? ? "C4'" B DG 12 ? ? 1.596 1.512 0.084  0.007 N 
17 1 N3    B DG 12 ? ? C4    B DG 12 ? ? 1.444 1.350 0.094  0.007 N 
18 1 C4    B DG 12 ? ? C5    B DG 12 ? ? 1.334 1.379 -0.045 0.007 N 
19 1 C6    B DG 12 ? ? N1    B DG 12 ? ? 1.341 1.391 -0.050 0.007 N 
20 1 C5    B DG 12 ? ? N7    B DG 12 ? ? 1.488 1.388 0.100  0.006 N 
21 1 C4    B DA 13 ? ? C5    B DA 13 ? ? 1.430 1.383 0.047  0.007 N 
22 1 C6    B DA 13 ? ? N1    B DA 13 ? ? 1.435 1.351 0.084  0.007 N 
23 1 C5    B DA 13 ? ? N7    B DA 13 ? ? 1.337 1.388 -0.051 0.006 N 
24 1 P     B DC 15 ? ? OP1   B DC 15 ? ? 1.592 1.485 0.107  0.017 N 
25 1 "O4'" B DC 15 ? ? "C4'" B DC 15 ? ? 1.350 1.446 -0.096 0.010 N 
26 1 C4    B DC 15 ? ? N4    B DC 15 ? ? 1.397 1.335 0.062  0.009 N 
27 1 C2    B DC 15 ? ? N3    B DC 15 ? ? 1.406 1.353 0.053  0.008 N 
28 1 "O3'" B DC 15 ? ? P     B DG 16 ? ? 1.515 1.607 -0.092 0.012 Y 
29 1 "O4'" B DG 16 ? ? "C1'" B DG 16 ? ? 1.488 1.420 0.068  0.011 N 
30 1 N1    B DG 16 ? ? C2    B DG 16 ? ? 1.324 1.373 -0.049 0.008 N 
31 1 C2    B DG 16 ? ? N3    B DG 16 ? ? 1.392 1.323 0.069  0.008 N 
32 1 C4    B DG 16 ? ? C5    B DG 16 ? ? 1.429 1.379 0.050  0.007 N 
33 1 C5    B DG 16 ? ? C6    B DG 16 ? ? 1.480 1.419 0.061  0.010 N 
34 1 C6    B DG 16 ? ? N1    B DG 16 ? ? 1.324 1.391 -0.067 0.007 N 
35 1 N9    B DG 16 ? ? C4    B DG 16 ? ? 1.297 1.375 -0.078 0.008 N 
36 1 C6    B DT 18 ? ? N1    B DT 18 ? ? 1.299 1.378 -0.079 0.007 N 
37 1 "C5'" B DC 19 ? ? "C4'" B DC 19 ? ? 1.575 1.512 0.063  0.007 N 
38 1 C4    B DC 19 ? ? N4    B DC 19 ? ? 1.410 1.335 0.075  0.009 N 
39 1 N3    B DC 19 ? ? C4    B DC 19 ? ? 1.290 1.335 -0.045 0.007 N 
40 1 "O4'" B DG 20 ? ? "C4'" B DG 20 ? ? 1.379 1.446 -0.067 0.010 N 
41 1 N3    B DG 20 ? ? C4    B DG 20 ? ? 1.397 1.350 0.047  0.007 N 
42 1 C4    B DG 20 ? ? C5    B DG 20 ? ? 1.304 1.379 -0.075 0.007 N 
# 
loop_
_pdbx_validate_rmsd_angle.id 
_pdbx_validate_rmsd_angle.PDB_model_num 
_pdbx_validate_rmsd_angle.auth_atom_id_1 
_pdbx_validate_rmsd_angle.auth_asym_id_1 
_pdbx_validate_rmsd_angle.auth_comp_id_1 
_pdbx_validate_rmsd_angle.auth_seq_id_1 
_pdbx_validate_rmsd_angle.PDB_ins_code_1 
_pdbx_validate_rmsd_angle.label_alt_id_1 
_pdbx_validate_rmsd_angle.auth_atom_id_2 
_pdbx_validate_rmsd_angle.auth_asym_id_2 
_pdbx_validate_rmsd_angle.auth_comp_id_2 
_pdbx_validate_rmsd_angle.auth_seq_id_2 
_pdbx_validate_rmsd_angle.PDB_ins_code_2 
_pdbx_validate_rmsd_angle.label_alt_id_2 
_pdbx_validate_rmsd_angle.auth_atom_id_3 
_pdbx_validate_rmsd_angle.auth_asym_id_3 
_pdbx_validate_rmsd_angle.auth_comp_id_3 
_pdbx_validate_rmsd_angle.auth_seq_id_3 
_pdbx_validate_rmsd_angle.PDB_ins_code_3 
_pdbx_validate_rmsd_angle.label_alt_id_3 
_pdbx_validate_rmsd_angle.angle_value 
_pdbx_validate_rmsd_angle.angle_target_value 
_pdbx_validate_rmsd_angle.angle_deviation 
_pdbx_validate_rmsd_angle.angle_standard_deviation 
_pdbx_validate_rmsd_angle.linker_flag 
1   1 "C3'" A DC  1  ? ? "C2'" A DC  1  ? ? "C1'" A DC  1  ? ? 97.13  102.40 -5.27  0.80 N 
2   1 "O4'" A DC  1  ? ? "C1'" A DC  1  ? ? N1    A DC  1  ? ? 113.66 108.30 5.36   0.30 N 
3   1 N3    A DC  1  ? ? C2    A DC  1  ? ? O2    A DC  1  ? ? 117.42 121.90 -4.48  0.70 N 
4   1 P     A DG  2  ? ? "O5'" A DG  2  ? ? "C5'" A DG  2  ? ? 109.94 120.90 -10.96 1.60 N 
5   1 "C3'" A DG  2  ? ? "O3'" A DG  2  ? ? P     A DA  3  ? ? 133.42 119.70 13.72  1.20 Y 
6   1 "O5'" A DA  3  ? ? P     A DA  3  ? ? OP1   A DA  3  ? ? 118.40 110.70 7.70   1.20 N 
7   1 P     A DA  3  ? ? "O5'" A DA  3  ? ? "C5'" A DA  3  ? ? 109.93 120.90 -10.97 1.60 N 
8   1 "O4'" A DA  3  ? ? "C1'" A DA  3  ? ? "C2'" A DA  3  ? ? 99.57  105.90 -6.33  0.80 N 
9   1 "O4'" A DA  3  ? ? "C1'" A DA  3  ? ? N9    A DA  3  ? ? 110.31 108.30 2.01   0.30 N 
10  1 N7    A DA  3  ? ? C8    A DA  3  ? ? N9    A DA  3  ? ? 109.98 113.80 -3.82  0.50 N 
11  1 C8    A DA  3  ? ? N9    A DA  3  ? ? C4    A DA  3  ? ? 108.32 105.80 2.52   0.40 N 
12  1 "O4'" A DT  4  ? ? "C1'" A DT  4  ? ? N1    A DT  4  ? ? 114.49 108.30 6.19   0.30 N 
13  1 N1    A DT  4  ? ? C2    A DT  4  ? ? N3    A DT  4  ? ? 118.29 114.60 3.69   0.60 N 
14  1 C2    A DT  4  ? ? N3    A DT  4  ? ? C4    A DT  4  ? ? 121.60 127.20 -5.60  0.60 N 
15  1 N3    A DT  4  ? ? C2    A DT  4  ? ? O2    A DT  4  ? ? 117.99 122.30 -4.31  0.60 N 
16  1 "C3'" A DT  4  ? ? "O3'" A DT  4  ? ? P     A DC  5  ? ? 136.93 119.70 17.23  1.20 Y 
17  1 "O5'" A DC  5  ? ? "C5'" A DC  5  ? ? "C4'" A DC  5  ? ? 101.18 109.40 -8.22  0.80 N 
18  1 C6    A DC  5  ? ? N1    A DC  5  ? ? C2    A DC  5  ? ? 115.93 120.30 -4.37  0.40 N 
19  1 C2    A DC  5  ? ? N3    A DC  5  ? ? C4    A DC  5  ? ? 130.53 119.90 10.63  0.50 N 
20  1 N3    A DC  5  ? ? C4    A DC  5  ? ? C5    A DC  5  ? ? 115.08 121.90 -6.82  0.40 N 
21  1 OP1   A DG  6  ? ? P     A DG  6  ? ? OP2   A DG  6  ? ? 130.74 119.60 11.14  1.50 N 
22  1 "C3'" A DG  6  ? ? "C2'" A DG  6  ? ? "C1'" A DG  6  ? ? 97.46  102.40 -4.94  0.80 N 
23  1 "O4'" A DG  6  ? ? "C1'" A DG  6  ? ? "C2'" A DG  6  ? ? 98.57  105.90 -7.33  0.80 N 
24  1 "O4'" A DG  6  ? ? "C1'" A DG  6  ? ? N9    A DG  6  ? ? 114.58 108.30 6.28   0.30 N 
25  1 C6    A DG  6  ? ? N1    A DG  6  ? ? C2    A DG  6  ? ? 118.32 125.10 -6.78  0.60 N 
26  1 N3    A DG  6  ? ? C4    A DG  6  ? ? C5    A DG  6  ? ? 124.18 128.60 -4.42  0.50 N 
27  1 C4    A DG  6  ? ? C5    A DG  6  ? ? C6    A DG  6  ? ? 123.04 118.80 4.24   0.60 N 
28  1 C4    A DG  6  ? ? C5    A DG  6  ? ? N7    A DG  6  ? ? 107.24 110.80 -3.56  0.40 N 
29  1 N9    A DG  6  ? ? C4    A DG  6  ? ? C5    A DG  6  ? ? 111.03 105.40 5.63   0.40 N 
30  1 N1    A DG  6  ? ? C6    A DG  6  ? ? O6    A DG  6  ? ? 115.69 119.90 -4.21  0.60 N 
31  1 "O3'" A DG  6  ? ? P     A 6MA 7  ? ? OP1   A 6MA 7  ? ? 89.91  105.20 -15.29 2.20 Y 
32  1 "C3'" A 6MA 7  ? ? "O3'" A 6MA 7  ? ? P     A DT  8  ? ? 150.99 119.70 31.29  1.20 Y 
33  1 "O5'" A DT  8  ? ? "C5'" A DT  8  ? ? "C4'" A DT  8  ? ? 104.55 109.40 -4.85  0.80 N 
34  1 P     A DT  8  ? ? "O5'" A DT  8  ? ? "C5'" A DT  8  ? ? 110.68 120.90 -10.22 1.60 N 
35  1 "O4'" A DT  8  ? ? "C1'" A DT  8  ? ? N1    A DT  8  ? ? 113.60 108.30 5.30   0.30 N 
36  1 C2    A DT  8  ? ? N3    A DT  8  ? ? C4    A DT  8  ? ? 120.25 127.20 -6.95  0.60 N 
37  1 N3    A DT  8  ? ? C2    A DT  8  ? ? O2    A DT  8  ? ? 116.47 122.30 -5.83  0.60 N 
38  1 N3    A DT  8  ? ? C4    A DT  8  ? ? O4    A DT  8  ? ? 114.54 119.90 -5.36  0.60 N 
39  1 "C3'" A DT  8  ? ? "O3'" A DT  8  ? ? P     A DC  9  ? ? 128.45 119.70 8.75   1.20 Y 
40  1 P     A DC  9  ? ? "O5'" A DC  9  ? ? "C5'" A DC  9  ? ? 108.86 120.90 -12.04 1.60 N 
41  1 "O4'" A DC  9  ? ? "C1'" A DC  9  ? ? N1    A DC  9  ? ? 116.84 108.30 8.54   0.30 N 
42  1 C2    A DC  9  ? ? N3    A DC  9  ? ? C4    A DC  9  ? ? 125.33 119.90 5.43   0.50 N 
43  1 C5    A DC  9  ? ? C6    A DC  9  ? ? N1    A DC  9  ? ? 124.79 121.00 3.79   0.50 N 
44  1 N3    A DC  9  ? ? C2    A DC  9  ? ? O2    A DC  9  ? ? 126.80 121.90 4.90   0.70 N 
45  1 "C3'" A DC  9  ? ? "O3'" A DC  9  ? ? P     A DG  10 ? ? 111.79 119.70 -7.91  1.20 Y 
46  1 P     A DG  10 ? ? "O5'" A DG  10 ? ? "C5'" A DG  10 ? ? 109.29 120.90 -11.61 1.60 N 
47  1 "C3'" A DG  10 ? ? "C2'" A DG  10 ? ? "C1'" A DG  10 ? ? 96.02  102.40 -6.38  0.80 N 
48  1 "O4'" A DG  10 ? ? "C1'" A DG  10 ? ? N9    A DG  10 ? ? 112.76 108.30 4.46   0.30 N 
49  1 C6    A DG  10 ? ? N1    A DG  10 ? ? C2    A DG  10 ? ? 118.99 125.10 -6.11  0.60 N 
50  1 C5    A DG  10 ? ? C6    A DG  10 ? ? N1    A DG  10 ? ? 116.76 111.50 5.26   0.50 N 
51  1 C4    A DG  10 ? ? C5    A DG  10 ? ? N7    A DG  10 ? ? 115.68 110.80 4.88   0.40 N 
52  1 N1    A DG  10 ? ? C2    A DG  10 ? ? N2    A DG  10 ? ? 109.15 116.20 -7.05  0.90 N 
53  1 N3    A DG  10 ? ? C2    A DG  10 ? ? N2    A DG  10 ? ? 124.62 119.90 4.72   0.70 N 
54  1 N1    A DG  10 ? ? C6    A DG  10 ? ? O6    A DG  10 ? ? 115.44 119.90 -4.46  0.60 N 
55  1 "O5'" B DC  11 ? ? "C5'" B DC  11 ? ? "C4'" B DC  11 ? ? 102.77 109.40 -6.63  0.80 N 
56  1 "O4'" B DC  11 ? ? "C1'" B DC  11 ? ? N1    B DC  11 ? ? 110.75 108.30 2.45   0.30 N 
57  1 "C3'" B DC  11 ? ? "O3'" B DC  11 ? ? P     B DG  12 ? ? 135.22 119.70 15.52  1.20 Y 
58  1 "O3'" B DC  11 ? ? P     B DG  12 ? ? OP2   B DG  12 ? ? 119.07 110.50 8.57   1.10 Y 
59  1 "O5'" B DG  12 ? ? "C5'" B DG  12 ? ? "C4'" B DG  12 ? ? 104.33 109.40 -5.07  0.80 N 
60  1 "O4'" B DG  12 ? ? "C1'" B DG  12 ? ? N9    B DG  12 ? ? 114.78 108.30 6.48   0.30 N 
61  1 N3    B DG  12 ? ? C4    B DG  12 ? ? C5    B DG  12 ? ? 123.82 128.60 -4.78  0.50 N 
62  1 C4    B DG  12 ? ? C5    B DG  12 ? ? C6    B DG  12 ? ? 122.78 118.80 3.98   0.60 N 
63  1 C4    B DG  12 ? ? C5    B DG  12 ? ? N7    B DG  12 ? ? 107.58 110.80 -3.22  0.40 N 
64  1 N9    B DG  12 ? ? C4    B DG  12 ? ? C5    B DG  12 ? ? 109.06 105.40 3.66   0.40 N 
65  1 "C3'" B DG  12 ? ? "O3'" B DG  12 ? ? P     B DA  13 ? ? 145.35 119.70 25.65  1.20 Y 
66  1 "O5'" B DA  13 ? ? P     B DA  13 ? ? OP1   B DA  13 ? ? 98.82  105.70 -6.88  0.90 N 
67  1 "O5'" B DA  13 ? ? "C5'" B DA  13 ? ? "C4'" B DA  13 ? ? 101.90 109.40 -7.50  0.80 N 
68  1 C6    B DA  13 ? ? N1    B DA  13 ? ? C2    B DA  13 ? ? 122.21 118.60 3.61   0.60 N 
69  1 C5    B DA  13 ? ? C6    B DA  13 ? ? N1    B DA  13 ? ? 114.48 117.70 -3.22  0.50 N 
70  1 C5    B DA  13 ? ? N7    B DA  13 ? ? C8    B DA  13 ? ? 108.29 103.90 4.39   0.50 N 
71  1 "O3'" B DA  13 ? ? P     B DT  14 ? ? "O5'" B DT  14 ? ? 91.76  104.00 -12.24 1.90 Y 
72  1 OP1   B DT  14 ? ? P     B DT  14 ? ? OP2   B DT  14 ? ? 131.13 119.60 11.53  1.50 N 
73  1 "O5'" B DT  14 ? ? "C5'" B DT  14 ? ? "C4'" B DT  14 ? ? 101.68 109.40 -7.72  0.80 N 
74  1 P     B DT  14 ? ? "O5'" B DT  14 ? ? "C5'" B DT  14 ? ? 107.07 120.90 -13.83 1.60 N 
75  1 "O4'" B DT  14 ? ? "C1'" B DT  14 ? ? N1    B DT  14 ? ? 112.31 108.30 4.01   0.30 N 
76  1 N3    B DT  14 ? ? C4    B DT  14 ? ? C5    B DT  14 ? ? 119.22 115.20 4.02   0.60 N 
77  1 N3    B DT  14 ? ? C2    B DT  14 ? ? O2    B DT  14 ? ? 118.14 122.30 -4.16  0.60 N 
78  1 N3    B DT  14 ? ? C4    B DT  14 ? ? O4    B DT  14 ? ? 115.43 119.90 -4.47  0.60 N 
79  1 C4    B DT  14 ? ? C5    B DT  14 ? ? C7    B DT  14 ? ? 124.53 119.00 5.53   0.60 N 
80  1 "O5'" B DC  15 ? ? "C5'" B DC  15 ? ? "C4'" B DC  15 ? ? 104.02 109.40 -5.38  0.80 N 
81  1 "C3'" B DC  15 ? ? "C2'" B DC  15 ? ? "C1'" B DC  15 ? ? 97.38  102.40 -5.02  0.80 N 
82  1 "O4'" B DC  15 ? ? "C1'" B DC  15 ? ? N1    B DC  15 ? ? 118.03 108.30 9.73   0.30 N 
83  1 "C3'" B DC  15 ? ? "O3'" B DC  15 ? ? P     B DG  16 ? ? 129.81 119.70 10.11  1.20 Y 
84  1 "O5'" B DG  16 ? ? "C5'" B DG  16 ? ? "C4'" B DG  16 ? ? 104.16 109.40 -5.24  0.80 N 
85  1 P     B DG  16 ? ? "O5'" B DG  16 ? ? "C5'" B DG  16 ? ? 108.11 120.90 -12.79 1.60 N 
86  1 N3    B DG  16 ? ? C4    B DG  16 ? ? C5    B DG  16 ? ? 125.50 128.60 -3.10  0.50 N 
87  1 N1    B DG  16 ? ? C6    B DG  16 ? ? O6    B DG  16 ? ? 124.67 119.90 4.77   0.60 N 
88  1 C5    B DG  16 ? ? C6    B DG  16 ? ? O6    B DG  16 ? ? 122.20 128.60 -6.40  0.60 N 
89  1 "O3'" B DG  16 ? ? P     B 6MA 17 ? ? OP2   B 6MA 17 ? ? 118.02 110.50 7.52   1.10 Y 
90  1 "O5'" B DT  18 ? ? P     B DT  18 ? ? OP1   B DT  18 ? ? 118.41 110.70 7.71   1.20 N 
91  1 "O5'" B DT  18 ? ? "C5'" B DT  18 ? ? "C4'" B DT  18 ? ? 103.30 109.40 -6.10  0.80 N 
92  1 "O4'" B DT  18 ? ? "C4'" B DT  18 ? ? "C3'" B DT  18 ? ? 100.67 104.50 -3.83  0.40 N 
93  1 "C1'" B DT  18 ? ? "O4'" B DT  18 ? ? "C4'" B DT  18 ? ? 102.06 110.10 -8.04  1.00 N 
94  1 C2    B DT  18 ? ? N3    B DT  18 ? ? C4    B DT  18 ? ? 122.23 127.20 -4.97  0.60 N 
95  1 N3    B DT  18 ? ? C4    B DT  18 ? ? O4    B DT  18 ? ? 113.80 119.90 -6.10  0.60 N 
96  1 "O3'" B DT  18 ? ? P     B DC  19 ? ? OP2   B DC  19 ? ? 121.07 110.50 10.57  1.10 Y 
97  1 "O3'" B DT  18 ? ? P     B DC  19 ? ? OP1   B DC  19 ? ? 90.50  105.20 -14.70 2.20 Y 
98  1 "O5'" B DC  19 ? ? "C5'" B DC  19 ? ? "C4'" B DC  19 ? ? 101.75 109.40 -7.65  0.80 N 
99  1 C6    B DC  19 ? ? N1    B DC  19 ? ? C2    B DC  19 ? ? 117.24 120.30 -3.06  0.40 N 
100 1 "C3'" B DC  19 ? ? "O3'" B DC  19 ? ? P     B DG  20 ? ? 136.24 119.70 16.54  1.20 Y 
101 1 "O3'" B DC  19 ? ? P     B DG  20 ? ? OP1   B DG  20 ? ? 89.45  105.20 -15.75 2.20 Y 
102 1 "O5'" B DG  20 ? ? P     B DG  20 ? ? OP1   B DG  20 ? ? 127.71 110.70 17.01  1.20 N 
103 1 P     B DG  20 ? ? "O5'" B DG  20 ? ? "C5'" B DG  20 ? ? 103.89 120.90 -17.01 1.60 N 
104 1 "O4'" B DG  20 ? ? "C1'" B DG  20 ? ? "C2'" B DG  20 ? ? 100.72 105.90 -5.18  0.80 N 
105 1 "O4'" B DG  20 ? ? "C1'" B DG  20 ? ? N9    B DG  20 ? ? 114.51 108.30 6.21   0.30 N 
106 1 C6    B DG  20 ? ? N1    B DG  20 ? ? C2    B DG  20 ? ? 119.85 125.10 -5.25  0.60 N 
107 1 C5    B DG  20 ? ? C6    B DG  20 ? ? N1    B DG  20 ? ? 117.91 111.50 6.41   0.50 N 
108 1 C4    B DG  20 ? ? C5    B DG  20 ? ? N7    B DG  20 ? ? 113.74 110.80 2.94   0.40 N 
109 1 N1    B DG  20 ? ? C6    B DG  20 ? ? O6    B DG  20 ? ? 111.21 119.90 -8.69  0.60 N 
# 
loop_
_pdbx_struct_mod_residue.id 
_pdbx_struct_mod_residue.label_asym_id 
_pdbx_struct_mod_residue.label_comp_id 
_pdbx_struct_mod_residue.label_seq_id 
_pdbx_struct_mod_residue.auth_asym_id 
_pdbx_struct_mod_residue.auth_comp_id 
_pdbx_struct_mod_residue.auth_seq_id 
_pdbx_struct_mod_residue.PDB_ins_code 
_pdbx_struct_mod_residue.parent_comp_id 
_pdbx_struct_mod_residue.details 
1 A 6MA 7 A 6MA 7  ? A ? 
2 B 6MA 7 B 6MA 17 ? A ? 
# 
loop_
_pdbx_struct_special_symmetry.id 
_pdbx_struct_special_symmetry.PDB_model_num 
_pdbx_struct_special_symmetry.auth_asym_id 
_pdbx_struct_special_symmetry.auth_comp_id 
_pdbx_struct_special_symmetry.auth_seq_id 
_pdbx_struct_special_symmetry.PDB_ins_code 
_pdbx_struct_special_symmetry.label_asym_id 
_pdbx_struct_special_symmetry.label_comp_id 
_pdbx_struct_special_symmetry.label_seq_id 
1 1 B CL 21 ? C CL . 
2 1 B MG 22 ? D MG . 
# 
loop_
_refine_B_iso.class 
_refine_B_iso.details 
_refine_B_iso.treatment 
_refine_B_iso.pdbx_refine_id 
'ALL ATOMS'  TR isotropic 'X-RAY DIFFRACTION' 
'ALL WATERS' TR isotropic 'X-RAY DIFFRACTION' 
# 
loop_
_refine_occupancy.class 
_refine_occupancy.treatment 
_refine_occupancy.pdbx_refine_id 
'ALL ATOMS'  fix 'X-RAY DIFFRACTION' 
'ALL WATERS' fix 'X-RAY DIFFRACTION' 
# 
loop_
_chem_comp_atom.comp_id 
_chem_comp_atom.atom_id 
_chem_comp_atom.type_symbol 
_chem_comp_atom.pdbx_aromatic_flag 
_chem_comp_atom.pdbx_stereo_config 
_chem_comp_atom.pdbx_ordinal 
6MA OP3    O  N N 1   
6MA P      P  N N 2   
6MA OP1    O  N N 3   
6MA OP2    O  N N 4   
6MA "O5'"  O  N N 5   
6MA "C5'"  C  N N 6   
6MA "C4'"  C  N R 7   
6MA "O4'"  O  N N 8   
6MA "C3'"  C  N S 9   
6MA "O3'"  O  N N 10  
6MA "C2'"  C  N N 11  
6MA "C1'"  C  N R 12  
6MA N9     N  Y N 13  
6MA C8     C  Y N 14  
6MA N7     N  Y N 15  
6MA C5     C  Y N 16  
6MA C6     C  Y N 17  
6MA N1     N  Y N 18  
6MA C2     C  Y N 19  
6MA N3     N  Y N 20  
6MA C4     C  Y N 21  
6MA N6     N  N N 22  
6MA C1     C  N N 23  
6MA HOP3   H  N N 24  
6MA HOP2   H  N N 25  
6MA "H5'"  H  N N 26  
6MA "H5''" H  N N 27  
6MA "H4'"  H  N N 28  
6MA "H3'"  H  N N 29  
6MA "HO3'" H  N N 30  
6MA "H2'"  H  N N 31  
6MA "H2''" H  N N 32  
6MA "H1'"  H  N N 33  
6MA H8     H  N N 34  
6MA H2     H  N N 35  
6MA H61    H  N N 36  
6MA H11    H  N N 37  
6MA H12    H  N N 38  
6MA H13    H  N N 39  
CL  CL     CL N N 40  
DA  OP3    O  N N 41  
DA  P      P  N N 42  
DA  OP1    O  N N 43  
DA  OP2    O  N N 44  
DA  "O5'"  O  N N 45  
DA  "C5'"  C  N N 46  
DA  "C4'"  C  N R 47  
DA  "O4'"  O  N N 48  
DA  "C3'"  C  N S 49  
DA  "O3'"  O  N N 50  
DA  "C2'"  C  N N 51  
DA  "C1'"  C  N R 52  
DA  N9     N  Y N 53  
DA  C8     C  Y N 54  
DA  N7     N  Y N 55  
DA  C5     C  Y N 56  
DA  C6     C  Y N 57  
DA  N6     N  N N 58  
DA  N1     N  Y N 59  
DA  C2     C  Y N 60  
DA  N3     N  Y N 61  
DA  C4     C  Y N 62  
DA  HOP3   H  N N 63  
DA  HOP2   H  N N 64  
DA  "H5'"  H  N N 65  
DA  "H5''" H  N N 66  
DA  "H4'"  H  N N 67  
DA  "H3'"  H  N N 68  
DA  "HO3'" H  N N 69  
DA  "H2'"  H  N N 70  
DA  "H2''" H  N N 71  
DA  "H1'"  H  N N 72  
DA  H8     H  N N 73  
DA  H61    H  N N 74  
DA  H62    H  N N 75  
DA  H2     H  N N 76  
DC  OP3    O  N N 77  
DC  P      P  N N 78  
DC  OP1    O  N N 79  
DC  OP2    O  N N 80  
DC  "O5'"  O  N N 81  
DC  "C5'"  C  N N 82  
DC  "C4'"  C  N R 83  
DC  "O4'"  O  N N 84  
DC  "C3'"  C  N S 85  
DC  "O3'"  O  N N 86  
DC  "C2'"  C  N N 87  
DC  "C1'"  C  N R 88  
DC  N1     N  N N 89  
DC  C2     C  N N 90  
DC  O2     O  N N 91  
DC  N3     N  N N 92  
DC  C4     C  N N 93  
DC  N4     N  N N 94  
DC  C5     C  N N 95  
DC  C6     C  N N 96  
DC  HOP3   H  N N 97  
DC  HOP2   H  N N 98  
DC  "H5'"  H  N N 99  
DC  "H5''" H  N N 100 
DC  "H4'"  H  N N 101 
DC  "H3'"  H  N N 102 
DC  "HO3'" H  N N 103 
DC  "H2'"  H  N N 104 
DC  "H2''" H  N N 105 
DC  "H1'"  H  N N 106 
DC  H41    H  N N 107 
DC  H42    H  N N 108 
DC  H5     H  N N 109 
DC  H6     H  N N 110 
DG  OP3    O  N N 111 
DG  P      P  N N 112 
DG  OP1    O  N N 113 
DG  OP2    O  N N 114 
DG  "O5'"  O  N N 115 
DG  "C5'"  C  N N 116 
DG  "C4'"  C  N R 117 
DG  "O4'"  O  N N 118 
DG  "C3'"  C  N S 119 
DG  "O3'"  O  N N 120 
DG  "C2'"  C  N N 121 
DG  "C1'"  C  N R 122 
DG  N9     N  Y N 123 
DG  C8     C  Y N 124 
DG  N7     N  Y N 125 
DG  C5     C  Y N 126 
DG  C6     C  N N 127 
DG  O6     O  N N 128 
DG  N1     N  N N 129 
DG  C2     C  N N 130 
DG  N2     N  N N 131 
DG  N3     N  N N 132 
DG  C4     C  Y N 133 
DG  HOP3   H  N N 134 
DG  HOP2   H  N N 135 
DG  "H5'"  H  N N 136 
DG  "H5''" H  N N 137 
DG  "H4'"  H  N N 138 
DG  "H3'"  H  N N 139 
DG  "HO3'" H  N N 140 
DG  "H2'"  H  N N 141 
DG  "H2''" H  N N 142 
DG  "H1'"  H  N N 143 
DG  H8     H  N N 144 
DG  H1     H  N N 145 
DG  H21    H  N N 146 
DG  H22    H  N N 147 
DT  OP3    O  N N 148 
DT  P      P  N N 149 
DT  OP1    O  N N 150 
DT  OP2    O  N N 151 
DT  "O5'"  O  N N 152 
DT  "C5'"  C  N N 153 
DT  "C4'"  C  N R 154 
DT  "O4'"  O  N N 155 
DT  "C3'"  C  N S 156 
DT  "O3'"  O  N N 157 
DT  "C2'"  C  N N 158 
DT  "C1'"  C  N R 159 
DT  N1     N  N N 160 
DT  C2     C  N N 161 
DT  O2     O  N N 162 
DT  N3     N  N N 163 
DT  C4     C  N N 164 
DT  O4     O  N N 165 
DT  C5     C  N N 166 
DT  C7     C  N N 167 
DT  C6     C  N N 168 
DT  HOP3   H  N N 169 
DT  HOP2   H  N N 170 
DT  "H5'"  H  N N 171 
DT  "H5''" H  N N 172 
DT  "H4'"  H  N N 173 
DT  "H3'"  H  N N 174 
DT  "HO3'" H  N N 175 
DT  "H2'"  H  N N 176 
DT  "H2''" H  N N 177 
DT  "H1'"  H  N N 178 
DT  H3     H  N N 179 
DT  H71    H  N N 180 
DT  H72    H  N N 181 
DT  H73    H  N N 182 
DT  H6     H  N N 183 
HOH O      O  N N 184 
HOH H1     H  N N 185 
HOH H2     H  N N 186 
MG  MG     MG N N 187 
# 
loop_
_chem_comp_bond.comp_id 
_chem_comp_bond.atom_id_1 
_chem_comp_bond.atom_id_2 
_chem_comp_bond.value_order 
_chem_comp_bond.pdbx_aromatic_flag 
_chem_comp_bond.pdbx_stereo_config 
_chem_comp_bond.pdbx_ordinal 
6MA OP3   P      sing N N 1   
6MA OP3   HOP3   sing N N 2   
6MA P     OP1    doub N N 3   
6MA P     OP2    sing N N 4   
6MA P     "O5'"  sing N N 5   
6MA OP2   HOP2   sing N N 6   
6MA "O5'" "C5'"  sing N N 7   
6MA "C5'" "C4'"  sing N N 8   
6MA "C5'" "H5'"  sing N N 9   
6MA "C5'" "H5''" sing N N 10  
6MA "C4'" "O4'"  sing N N 11  
6MA "C4'" "C3'"  sing N N 12  
6MA "C4'" "H4'"  sing N N 13  
6MA "O4'" "C1'"  sing N N 14  
6MA "C3'" "O3'"  sing N N 15  
6MA "C3'" "C2'"  sing N N 16  
6MA "C3'" "H3'"  sing N N 17  
6MA "O3'" "HO3'" sing N N 18  
6MA "C2'" "C1'"  sing N N 19  
6MA "C2'" "H2'"  sing N N 20  
6MA "C2'" "H2''" sing N N 21  
6MA "C1'" N9     sing N N 22  
6MA "C1'" "H1'"  sing N N 23  
6MA N9    C8     sing Y N 24  
6MA N9    C4     sing Y N 25  
6MA C8    N7     doub Y N 26  
6MA C8    H8     sing N N 27  
6MA N7    C5     sing Y N 28  
6MA C5    C6     sing Y N 29  
6MA C5    C4     doub Y N 30  
6MA C6    N1     doub Y N 31  
6MA C6    N6     sing N N 32  
6MA N1    C2     sing Y N 33  
6MA C2    N3     doub Y N 34  
6MA C2    H2     sing N N 35  
6MA N3    C4     sing Y N 36  
6MA N6    C1     sing N N 37  
6MA N6    H61    sing N N 38  
6MA C1    H11    sing N N 39  
6MA C1    H12    sing N N 40  
6MA C1    H13    sing N N 41  
DA  OP3   P      sing N N 42  
DA  OP3   HOP3   sing N N 43  
DA  P     OP1    doub N N 44  
DA  P     OP2    sing N N 45  
DA  P     "O5'"  sing N N 46  
DA  OP2   HOP2   sing N N 47  
DA  "O5'" "C5'"  sing N N 48  
DA  "C5'" "C4'"  sing N N 49  
DA  "C5'" "H5'"  sing N N 50  
DA  "C5'" "H5''" sing N N 51  
DA  "C4'" "O4'"  sing N N 52  
DA  "C4'" "C3'"  sing N N 53  
DA  "C4'" "H4'"  sing N N 54  
DA  "O4'" "C1'"  sing N N 55  
DA  "C3'" "O3'"  sing N N 56  
DA  "C3'" "C2'"  sing N N 57  
DA  "C3'" "H3'"  sing N N 58  
DA  "O3'" "HO3'" sing N N 59  
DA  "C2'" "C1'"  sing N N 60  
DA  "C2'" "H2'"  sing N N 61  
DA  "C2'" "H2''" sing N N 62  
DA  "C1'" N9     sing N N 63  
DA  "C1'" "H1'"  sing N N 64  
DA  N9    C8     sing Y N 65  
DA  N9    C4     sing Y N 66  
DA  C8    N7     doub Y N 67  
DA  C8    H8     sing N N 68  
DA  N7    C5     sing Y N 69  
DA  C5    C6     sing Y N 70  
DA  C5    C4     doub Y N 71  
DA  C6    N6     sing N N 72  
DA  C6    N1     doub Y N 73  
DA  N6    H61    sing N N 74  
DA  N6    H62    sing N N 75  
DA  N1    C2     sing Y N 76  
DA  C2    N3     doub Y N 77  
DA  C2    H2     sing N N 78  
DA  N3    C4     sing Y N 79  
DC  OP3   P      sing N N 80  
DC  OP3   HOP3   sing N N 81  
DC  P     OP1    doub N N 82  
DC  P     OP2    sing N N 83  
DC  P     "O5'"  sing N N 84  
DC  OP2   HOP2   sing N N 85  
DC  "O5'" "C5'"  sing N N 86  
DC  "C5'" "C4'"  sing N N 87  
DC  "C5'" "H5'"  sing N N 88  
DC  "C5'" "H5''" sing N N 89  
DC  "C4'" "O4'"  sing N N 90  
DC  "C4'" "C3'"  sing N N 91  
DC  "C4'" "H4'"  sing N N 92  
DC  "O4'" "C1'"  sing N N 93  
DC  "C3'" "O3'"  sing N N 94  
DC  "C3'" "C2'"  sing N N 95  
DC  "C3'" "H3'"  sing N N 96  
DC  "O3'" "HO3'" sing N N 97  
DC  "C2'" "C1'"  sing N N 98  
DC  "C2'" "H2'"  sing N N 99  
DC  "C2'" "H2''" sing N N 100 
DC  "C1'" N1     sing N N 101 
DC  "C1'" "H1'"  sing N N 102 
DC  N1    C2     sing N N 103 
DC  N1    C6     sing N N 104 
DC  C2    O2     doub N N 105 
DC  C2    N3     sing N N 106 
DC  N3    C4     doub N N 107 
DC  C4    N4     sing N N 108 
DC  C4    C5     sing N N 109 
DC  N4    H41    sing N N 110 
DC  N4    H42    sing N N 111 
DC  C5    C6     doub N N 112 
DC  C5    H5     sing N N 113 
DC  C6    H6     sing N N 114 
DG  OP3   P      sing N N 115 
DG  OP3   HOP3   sing N N 116 
DG  P     OP1    doub N N 117 
DG  P     OP2    sing N N 118 
DG  P     "O5'"  sing N N 119 
DG  OP2   HOP2   sing N N 120 
DG  "O5'" "C5'"  sing N N 121 
DG  "C5'" "C4'"  sing N N 122 
DG  "C5'" "H5'"  sing N N 123 
DG  "C5'" "H5''" sing N N 124 
DG  "C4'" "O4'"  sing N N 125 
DG  "C4'" "C3'"  sing N N 126 
DG  "C4'" "H4'"  sing N N 127 
DG  "O4'" "C1'"  sing N N 128 
DG  "C3'" "O3'"  sing N N 129 
DG  "C3'" "C2'"  sing N N 130 
DG  "C3'" "H3'"  sing N N 131 
DG  "O3'" "HO3'" sing N N 132 
DG  "C2'" "C1'"  sing N N 133 
DG  "C2'" "H2'"  sing N N 134 
DG  "C2'" "H2''" sing N N 135 
DG  "C1'" N9     sing N N 136 
DG  "C1'" "H1'"  sing N N 137 
DG  N9    C8     sing Y N 138 
DG  N9    C4     sing Y N 139 
DG  C8    N7     doub Y N 140 
DG  C8    H8     sing N N 141 
DG  N7    C5     sing Y N 142 
DG  C5    C6     sing N N 143 
DG  C5    C4     doub Y N 144 
DG  C6    O6     doub N N 145 
DG  C6    N1     sing N N 146 
DG  N1    C2     sing N N 147 
DG  N1    H1     sing N N 148 
DG  C2    N2     sing N N 149 
DG  C2    N3     doub N N 150 
DG  N2    H21    sing N N 151 
DG  N2    H22    sing N N 152 
DG  N3    C4     sing N N 153 
DT  OP3   P      sing N N 154 
DT  OP3   HOP3   sing N N 155 
DT  P     OP1    doub N N 156 
DT  P     OP2    sing N N 157 
DT  P     "O5'"  sing N N 158 
DT  OP2   HOP2   sing N N 159 
DT  "O5'" "C5'"  sing N N 160 
DT  "C5'" "C4'"  sing N N 161 
DT  "C5'" "H5'"  sing N N 162 
DT  "C5'" "H5''" sing N N 163 
DT  "C4'" "O4'"  sing N N 164 
DT  "C4'" "C3'"  sing N N 165 
DT  "C4'" "H4'"  sing N N 166 
DT  "O4'" "C1'"  sing N N 167 
DT  "C3'" "O3'"  sing N N 168 
DT  "C3'" "C2'"  sing N N 169 
DT  "C3'" "H3'"  sing N N 170 
DT  "O3'" "HO3'" sing N N 171 
DT  "C2'" "C1'"  sing N N 172 
DT  "C2'" "H2'"  sing N N 173 
DT  "C2'" "H2''" sing N N 174 
DT  "C1'" N1     sing N N 175 
DT  "C1'" "H1'"  sing N N 176 
DT  N1    C2     sing N N 177 
DT  N1    C6     sing N N 178 
DT  C2    O2     doub N N 179 
DT  C2    N3     sing N N 180 
DT  N3    C4     sing N N 181 
DT  N3    H3     sing N N 182 
DT  C4    O4     doub N N 183 
DT  C4    C5     sing N N 184 
DT  C5    C7     sing N N 185 
DT  C5    C6     doub N N 186 
DT  C7    H71    sing N N 187 
DT  C7    H72    sing N N 188 
DT  C7    H73    sing N N 189 
DT  C6    H6     sing N N 190 
HOH O     H1     sing N N 191 
HOH O     H2     sing N N 192 
# 
_ndb_struct_conf_na.entry_id   1DA3 
_ndb_struct_conf_na.feature    'b-form double helix' 
# 
loop_
_ndb_struct_na_base_pair.model_number 
_ndb_struct_na_base_pair.i_label_asym_id 
_ndb_struct_na_base_pair.i_label_comp_id 
_ndb_struct_na_base_pair.i_label_seq_id 
_ndb_struct_na_base_pair.i_symmetry 
_ndb_struct_na_base_pair.j_label_asym_id 
_ndb_struct_na_base_pair.j_label_comp_id 
_ndb_struct_na_base_pair.j_label_seq_id 
_ndb_struct_na_base_pair.j_symmetry 
_ndb_struct_na_base_pair.shear 
_ndb_struct_na_base_pair.stretch 
_ndb_struct_na_base_pair.stagger 
_ndb_struct_na_base_pair.buckle 
_ndb_struct_na_base_pair.propeller 
_ndb_struct_na_base_pair.opening 
_ndb_struct_na_base_pair.pair_number 
_ndb_struct_na_base_pair.pair_name 
_ndb_struct_na_base_pair.i_auth_asym_id 
_ndb_struct_na_base_pair.i_auth_seq_id 
_ndb_struct_na_base_pair.i_PDB_ins_code 
_ndb_struct_na_base_pair.j_auth_asym_id 
_ndb_struct_na_base_pair.j_auth_seq_id 
_ndb_struct_na_base_pair.j_PDB_ins_code 
_ndb_struct_na_base_pair.hbond_type_28 
_ndb_struct_na_base_pair.hbond_type_12 
1 A DC  1  1_555 B DG  10 1_555 0.238  -0.337 -0.349 2.207  -8.025  1.489  1  A_DC1:DG20_B  A 1  ? B 20 ? 19 1 
1 A DG  2  1_555 B DC  9  1_555 -0.180 -0.235 -0.068 0.332  -9.601  0.161  2  A_DG2:DC19_B  A 2  ? B 19 ? 19 1 
1 A DA  3  1_555 B DT  8  1_555 0.109  -0.074 0.035  -1.146 -16.200 1.077  3  A_DA3:DT18_B  A 3  ? B 18 ? 20 1 
1 A DT  4  1_555 B 6MA 7  1_555 -0.186 -0.095 -0.178 1.036  -9.334  -3.713 4  A_DT4:6MA17_B A 4  ? B 17 ? 20 1 
1 A DC  5  1_555 B DG  6  1_555 0.157  -0.089 -0.134 2.418  -8.413  -3.126 5  A_DC5:DG16_B  A 5  ? B 16 ? 19 1 
1 A DG  6  1_555 B DC  5  1_555 -0.242 -0.594 0.251  6.688  -4.805  -2.795 6  A_DG6:DC15_B  A 6  ? B 15 ? 19 1 
1 A 6MA 7  1_555 B DT  4  1_555 0.263  -0.357 -0.019 0.808  -11.455 -0.082 7  A_6MA7:DT14_B A 7  ? B 14 ? 20 1 
1 A DT  8  1_555 B DA  3  1_555 0.259  -0.484 -0.036 3.802  -9.822  -4.642 8  A_DT8:DA13_B  A 8  ? B 13 ? 20 1 
1 A DC  9  1_555 B DG  2  1_555 0.469  -0.253 -0.158 5.492  -10.718 -0.837 9  A_DC9:DG12_B  A 9  ? B 12 ? 19 1 
1 A DG  10 1_555 B DC  1  1_555 -0.103 -0.202 0.106  6.575  -5.057  -2.117 10 A_DG10:DC11_B A 10 ? B 11 ? 19 1 
# 
loop_
_ndb_struct_na_base_pair_step.model_number 
_ndb_struct_na_base_pair_step.i_label_asym_id_1 
_ndb_struct_na_base_pair_step.i_label_comp_id_1 
_ndb_struct_na_base_pair_step.i_label_seq_id_1 
_ndb_struct_na_base_pair_step.i_symmetry_1 
_ndb_struct_na_base_pair_step.j_label_asym_id_1 
_ndb_struct_na_base_pair_step.j_label_comp_id_1 
_ndb_struct_na_base_pair_step.j_label_seq_id_1 
_ndb_struct_na_base_pair_step.j_symmetry_1 
_ndb_struct_na_base_pair_step.i_label_asym_id_2 
_ndb_struct_na_base_pair_step.i_label_comp_id_2 
_ndb_struct_na_base_pair_step.i_label_seq_id_2 
_ndb_struct_na_base_pair_step.i_symmetry_2 
_ndb_struct_na_base_pair_step.j_label_asym_id_2 
_ndb_struct_na_base_pair_step.j_label_comp_id_2 
_ndb_struct_na_base_pair_step.j_label_seq_id_2 
_ndb_struct_na_base_pair_step.j_symmetry_2 
_ndb_struct_na_base_pair_step.shift 
_ndb_struct_na_base_pair_step.slide 
_ndb_struct_na_base_pair_step.rise 
_ndb_struct_na_base_pair_step.tilt 
_ndb_struct_na_base_pair_step.roll 
_ndb_struct_na_base_pair_step.twist 
_ndb_struct_na_base_pair_step.x_displacement 
_ndb_struct_na_base_pair_step.y_displacement 
_ndb_struct_na_base_pair_step.helical_rise 
_ndb_struct_na_base_pair_step.inclination 
_ndb_struct_na_base_pair_step.tip 
_ndb_struct_na_base_pair_step.helical_twist 
_ndb_struct_na_base_pair_step.step_number 
_ndb_struct_na_base_pair_step.step_name 
_ndb_struct_na_base_pair_step.i_auth_asym_id_1 
_ndb_struct_na_base_pair_step.i_auth_seq_id_1 
_ndb_struct_na_base_pair_step.i_PDB_ins_code_1 
_ndb_struct_na_base_pair_step.j_auth_asym_id_1 
_ndb_struct_na_base_pair_step.j_auth_seq_id_1 
_ndb_struct_na_base_pair_step.j_PDB_ins_code_1 
_ndb_struct_na_base_pair_step.i_auth_asym_id_2 
_ndb_struct_na_base_pair_step.i_auth_seq_id_2 
_ndb_struct_na_base_pair_step.i_PDB_ins_code_2 
_ndb_struct_na_base_pair_step.j_auth_asym_id_2 
_ndb_struct_na_base_pair_step.j_auth_seq_id_2 
_ndb_struct_na_base_pair_step.j_PDB_ins_code_2 
1 A DC  1 1_555 B DG  10 1_555 A DG  2  1_555 B DC  9 1_555 -0.779 0.601  3.457 -5.107 3.857  35.901 0.382  0.479  3.574 6.197  
8.205  36.448 1 AA_DC1DG2:DC19DG20_BB  A 1 ? B 20 ? A 2  ? B 19 ? 
1 A DG  2 1_555 B DC  9  1_555 A DA  3  1_555 B DT  8 1_555 0.715  -0.611 3.323 1.019  6.780  31.755 -2.283 -1.100 3.150 12.213 
-1.835 32.468 2 AA_DG2DA3:DT18DC19_BB  A 2 ? B 19 ? A 3  ? B 18 ? 
1 A DA  3 1_555 B DT  8  1_555 A DT  4  1_555 B 6MA 7 1_555 -0.765 -0.644 3.261 1.065  4.182  30.171 -2.042 1.664  3.117 7.983  
-2.033 30.471 3 AA_DA3DT4:6MA17DT18_BB A 3 ? B 18 ? A 4  ? B 17 ? 
1 A DT  4 1_555 B 6MA 7  1_555 A DC  5  1_555 B DG  6 1_555 0.359  -0.149 3.350 -0.116 0.125  36.472 -0.256 -0.590 3.349 0.200  
0.185  36.472 4 AA_DT4DC5:DG166MA17_BB A 4 ? B 17 ? A 5  ? B 16 ? 
1 A DC  5 1_555 B DG  6  1_555 A DG  6  1_555 B DC  5 1_555 1.096  0.546  3.286 1.999  1.704  33.076 0.666  -1.577 3.368 2.988  
-3.505 33.178 5 AA_DC5DG6:DC15DG16_BB  A 5 ? B 16 ? A 6  ? B 15 ? 
1 A DG  6 1_555 B DC  5  1_555 A 6MA 7  1_555 B DT  4 1_555 -0.696 0.125  3.489 -0.134 8.427  35.302 -1.066 1.099  3.430 13.656 
0.217  36.263 6 AA_DG66MA7:DT14DC15_BB A 6 ? B 15 ? A 7  ? B 14 ? 
1 A 6MA 7 1_555 B DT  4  1_555 A DT  8  1_555 B DA  3 1_555 -0.008 -0.253 3.275 -0.482 -3.322 32.803 0.122  -0.068 3.284 -5.863 
0.850  32.970 7 AA_6MA7DT8:DA13DT14_BB A 7 ? B 14 ? A 8  ? B 13 ? 
1 A DT  8 1_555 B DA  3  1_555 A DC  9  1_555 B DG  2 1_555 0.228  -0.182 3.263 3.585  6.744  34.755 -1.279 0.147  3.181 11.124 
-5.914 35.559 8 AA_DT8DC9:DG12DA13_BB  A 8 ? B 13 ? A 9  ? B 12 ? 
1 A DC  9 1_555 B DG  2  1_555 A DG  10 1_555 B DC  1 1_555 -0.402 0.548  3.304 -2.311 9.135  32.055 -0.619 0.301  3.350 16.113 
4.076  33.377 9 AA_DC9DG10:DC11DG12_BB A 9 ? B 12 ? A 10 ? B 11 ? 
# 
_atom_sites.entry_id                    1DA3 
_atom_sites.fract_transf_matrix[1][1]   -0.02459574 
_atom_sites.fract_transf_matrix[1][2]   -0.01939652 
_atom_sites.fract_transf_matrix[1][3]   -0.01468374 
_atom_sites.fract_transf_matrix[2][1]   -0.02006638 
_atom_sites.fract_transf_matrix[2][2]   -0.02024532 
_atom_sites.fract_transf_matrix[2][3]   0.01960309 
_atom_sites.fract_transf_matrix[3][1]   -0.00664980 
_atom_sites.fract_transf_matrix[3][2]   0.00762438 
_atom_sites.fract_transf_matrix[3][3]   0.00106720 
_atom_sites.fract_transf_vector[1]      0.832484 
_atom_sites.fract_transf_vector[2]      0.633790 
_atom_sites.fract_transf_vector[3]      0.072000 
# 
loop_
_atom_type.symbol 
C  
CL 
MG 
N  
O  
P  
# 
loop_
_atom_site.group_PDB 
_atom_site.id 
_atom_site.type_symbol 
_atom_site.label_atom_id 
_atom_site.label_alt_id 
_atom_site.label_comp_id 
_atom_site.label_asym_id 
_atom_site.label_entity_id 
_atom_site.label_seq_id 
_atom_site.pdbx_PDB_ins_code 
_atom_site.Cartn_x 
_atom_site.Cartn_y 
_atom_site.Cartn_z 
_atom_site.occupancy 
_atom_site.B_iso_or_equiv 
_atom_site.pdbx_formal_charge 
_atom_site.auth_seq_id 
_atom_site.auth_comp_id 
_atom_site.auth_asym_id 
_atom_site.auth_atom_id 
_atom_site.pdbx_PDB_model_num 
ATOM   1   O  "O5'" . DC  A 1 1  ? 5.520   -2.233  16.619  1.00 29.89 ? 1  DC  A "O5'" 1 
ATOM   2   C  "C5'" . DC  A 1 1  ? 4.335   -1.807  17.427  1.00 24.47 ? 1  DC  A "C5'" 1 
ATOM   3   C  "C4'" . DC  A 1 1  ? 3.516   -0.847  16.714  1.00 19.91 ? 1  DC  A "C4'" 1 
ATOM   4   O  "O4'" . DC  A 1 1  ? 4.371   0.112   16.129  1.00 19.37 ? 1  DC  A "O4'" 1 
ATOM   5   C  "C3'" . DC  A 1 1  ? 2.670   -1.423  15.557  1.00 18.69 ? 1  DC  A "C3'" 1 
ATOM   6   O  "O3'" . DC  A 1 1  ? 1.450   -0.741  15.269  1.00 20.36 ? 1  DC  A "O3'" 1 
ATOM   7   C  "C2'" . DC  A 1 1  ? 3.671   -1.306  14.407  1.00 17.51 ? 1  DC  A "C2'" 1 
ATOM   8   C  "C1'" . DC  A 1 1  ? 4.132   0.103   14.702  1.00 14.06 ? 1  DC  A "C1'" 1 
ATOM   9   N  N1    . DC  A 1 1  ? 5.265   0.545   13.922  1.00 8.55  ? 1  DC  A N1    1 
ATOM   10  C  C2    . DC  A 1 1  ? 5.443   1.896   13.815  1.00 5.95  ? 1  DC  A C2    1 
ATOM   11  O  O2    . DC  A 1 1  ? 4.609   2.671   14.323  1.00 7.50  ? 1  DC  A O2    1 
ATOM   12  N  N3    . DC  A 1 1  ? 6.382   2.431   13.033  1.00 1.95  ? 1  DC  A N3    1 
ATOM   13  C  C4    . DC  A 1 1  ? 7.289   1.593   12.484  1.00 3.28  ? 1  DC  A C4    1 
ATOM   14  N  N4    . DC  A 1 1  ? 8.260   2.149   11.757  1.00 2.62  ? 1  DC  A N4    1 
ATOM   15  C  C5    . DC  A 1 1  ? 7.167   0.158   12.611  1.00 4.96  ? 1  DC  A C5    1 
ATOM   16  C  C6    . DC  A 1 1  ? 6.147   -0.314  13.375  1.00 5.18  ? 1  DC  A C6    1 
ATOM   17  P  P     . DG  A 1 2  ? 0.105   -1.636  15.162  1.00 26.56 ? 2  DG  A P     1 
ATOM   18  O  OP1   . DG  A 1 2  ? 0.253   -2.346  16.466  1.00 22.68 ? 2  DG  A OP1   1 
ATOM   19  O  OP2   . DG  A 1 2  ? 0.057   -2.419  13.895  1.00 25.95 ? 2  DG  A OP2   1 
ATOM   20  O  "O5'" . DG  A 1 2  ? -1.138  -0.645  15.321  1.00 21.55 ? 2  DG  A "O5'" 1 
ATOM   21  C  "C5'" . DG  A 1 2  ? -0.752  0.504   16.087  1.00 21.79 ? 2  DG  A "C5'" 1 
ATOM   22  C  "C4'" . DG  A 1 2  ? -1.205  1.783   15.361  1.00 19.22 ? 2  DG  A "C4'" 1 
ATOM   23  O  "O4'" . DG  A 1 2  ? -0.103  2.434   14.765  1.00 17.18 ? 2  DG  A "O4'" 1 
ATOM   24  C  "C3'" . DG  A 1 2  ? -2.218  1.577   14.264  1.00 19.35 ? 2  DG  A "C3'" 1 
ATOM   25  O  "O3'" . DG  A 1 2  ? -3.117  2.623   14.322  1.00 22.74 ? 2  DG  A "O3'" 1 
ATOM   26  C  "C2'" . DG  A 1 2  ? -1.373  1.576   12.986  1.00 14.19 ? 2  DG  A "C2'" 1 
ATOM   27  C  "C1'" . DG  A 1 2  ? -0.332  2.566   13.340  1.00 12.58 ? 2  DG  A "C1'" 1 
ATOM   28  N  N9    . DG  A 1 2  ? 0.911   2.182   12.583  1.00 8.49  ? 2  DG  A N9    1 
ATOM   29  C  C8    . DG  A 1 2  ? 1.374   0.906   12.403  1.00 4.91  ? 2  DG  A C8    1 
ATOM   30  N  N7    . DG  A 1 2  ? 2.476   0.916   11.703  1.00 8.33  ? 2  DG  A N7    1 
ATOM   31  C  C5    . DG  A 1 2  ? 2.712   2.219   11.354  1.00 2.32  ? 2  DG  A C5    1 
ATOM   32  C  C6    . DG  A 1 2  ? 3.735   2.832   10.535  1.00 3.03  ? 2  DG  A C6    1 
ATOM   33  O  O6    . DG  A 1 2  ? 4.680   2.299   9.930   1.00 0.00  ? 2  DG  A O6    1 
ATOM   34  N  N1    . DG  A 1 2  ? 3.619   4.187   10.438  1.00 1.99  ? 2  DG  A N1    1 
ATOM   35  C  C2    . DG  A 1 2  ? 2.579   4.903   11.030  1.00 5.10  ? 2  DG  A C2    1 
ATOM   36  N  N2    . DG  A 1 2  ? 2.651   6.180   10.790  1.00 5.04  ? 2  DG  A N2    1 
ATOM   37  N  N3    . DG  A 1 2  ? 1.624   4.357   11.784  1.00 4.82  ? 2  DG  A N3    1 
ATOM   38  C  C4    . DG  A 1 2  ? 1.740   3.002   11.882  1.00 4.82  ? 2  DG  A C4    1 
ATOM   39  P  P     . DA  A 1 3  ? -4.593  2.868   13.677  1.00 34.72 ? 3  DA  A P     1 
ATOM   40  O  OP1   . DA  A 1 3  ? -4.997  3.809   14.745  1.00 34.47 ? 3  DA  A OP1   1 
ATOM   41  O  OP2   . DA  A 1 3  ? -5.324  1.573   13.683  1.00 28.14 ? 3  DA  A OP2   1 
ATOM   42  O  "O5'" . DA  A 1 3  ? -4.299  3.462   12.195  1.00 21.25 ? 3  DA  A "O5'" 1 
ATOM   43  C  "C5'" . DA  A 1 3  ? -3.513  4.658   12.295  1.00 16.91 ? 3  DA  A "C5'" 1 
ATOM   44  C  "C4'" . DA  A 1 3  ? -3.020  5.018   10.927  1.00 18.56 ? 3  DA  A "C4'" 1 
ATOM   45  O  "O4'" . DA  A 1 3  ? -1.798  4.274   10.747  1.00 19.88 ? 3  DA  A "O4'" 1 
ATOM   46  C  "C3'" . DA  A 1 3  ? -3.814  4.627   9.710   1.00 18.73 ? 3  DA  A "C3'" 1 
ATOM   47  O  "O3'" . DA  A 1 3  ? -4.336  5.838   9.050   1.00 18.87 ? 3  DA  A "O3'" 1 
ATOM   48  C  "C2'" . DA  A 1 3  ? -2.845  3.898   8.776   1.00 19.46 ? 3  DA  A "C2'" 1 
ATOM   49  C  "C1'" . DA  A 1 3  ? -1.513  4.330   9.311   1.00 16.27 ? 3  DA  A "C1'" 1 
ATOM   50  N  N9    . DA  A 1 3  ? -0.488  3.307   8.946   1.00 10.33 ? 3  DA  A N9    1 
ATOM   51  C  C8    . DA  A 1 3  ? -0.602  1.985   9.249   1.00 9.85  ? 3  DA  A C8    1 
ATOM   52  N  N7    . DA  A 1 3  ? 0.405   1.350   8.809   1.00 10.24 ? 3  DA  A N7    1 
ATOM   53  C  C5    . DA  A 1 3  ? 1.202   2.265   8.172   1.00 6.07  ? 3  DA  A C5    1 
ATOM   54  C  C6    . DA  A 1 3  ? 2.439   2.126   7.509   1.00 7.25  ? 3  DA  A C6    1 
ATOM   55  N  N6    . DA  A 1 3  ? 3.051   0.969   7.400   1.00 9.10  ? 3  DA  A N6    1 
ATOM   56  N  N1    . DA  A 1 3  ? 2.993   3.205   6.996   1.00 7.74  ? 3  DA  A N1    1 
ATOM   57  C  C2    . DA  A 1 3  ? 2.340   4.444   7.200   1.00 9.40  ? 3  DA  A C2    1 
ATOM   58  N  N3    . DA  A 1 3  ? 1.170   4.652   7.798   1.00 8.00  ? 3  DA  A N3    1 
ATOM   59  C  C4    . DA  A 1 3  ? 0.665   3.488   8.273   1.00 5.91  ? 3  DA  A C4    1 
ATOM   60  P  P     . DT  A 1 4  ? -5.253  5.876   7.743   1.00 15.10 ? 4  DT  A P     1 
ATOM   61  O  OP1   . DT  A 1 4  ? -6.030  7.108   8.168   1.00 12.24 ? 4  DT  A OP1   1 
ATOM   62  O  OP2   . DT  A 1 4  ? -5.875  4.594   7.414   1.00 12.02 ? 4  DT  A OP2   1 
ATOM   63  O  "O5'" . DT  A 1 4  ? -4.222  6.286   6.567   1.00 13.52 ? 4  DT  A "O5'" 1 
ATOM   64  C  "C5'" . DT  A 1 4  ? -3.423  7.465   6.870   1.00 11.53 ? 4  DT  A "C5'" 1 
ATOM   65  C  "C4'" . DT  A 1 4  ? -2.741  7.848   5.565   1.00 11.74 ? 4  DT  A "C4'" 1 
ATOM   66  O  "O4'" . DT  A 1 4  ? -1.549  7.211   5.361   1.00 12.02 ? 4  DT  A "O4'" 1 
ATOM   67  C  "C3'" . DT  A 1 4  ? -3.533  7.598   4.292   1.00 14.07 ? 4  DT  A "C3'" 1 
ATOM   68  O  "O3'" . DT  A 1 4  ? -3.214  8.547   3.253   1.00 21.27 ? 4  DT  A "O3'" 1 
ATOM   69  C  "C2'" . DT  A 1 4  ? -3.086  6.197   3.965   1.00 10.35 ? 4  DT  A "C2'" 1 
ATOM   70  C  "C1'" . DT  A 1 4  ? -1.642  6.368   4.245   1.00 8.56  ? 4  DT  A "C1'" 1 
ATOM   71  N  N1    . DT  A 1 4  ? -1.086  4.987   4.458   1.00 4.86  ? 4  DT  A N1    1 
ATOM   72  C  C2    . DT  A 1 4  ? 0.196   4.725   4.019   1.00 1.54  ? 4  DT  A C2    1 
ATOM   73  O  O2    . DT  A 1 4  ? 0.909   5.549   3.508   1.00 0.00  ? 4  DT  A O2    1 
ATOM   74  N  N3    . DT  A 1 4  ? 0.688   3.430   4.156   1.00 2.19  ? 4  DT  A N3    1 
ATOM   75  C  C4    . DT  A 1 4  ? -0.027  2.451   4.810   1.00 1.99  ? 4  DT  A C4    1 
ATOM   76  O  O4    . DT  A 1 4  ? 0.558   1.361   4.997   1.00 3.72  ? 4  DT  A O4    1 
ATOM   77  C  C5    . DT  A 1 4  ? -1.350  2.797   5.342   1.00 0.34  ? 4  DT  A C5    1 
ATOM   78  C  C7    . DT  A 1 4  ? -2.158  1.741   5.978   1.00 0.26  ? 4  DT  A C7    1 
ATOM   79  C  C6    . DT  A 1 4  ? -1.777  4.031   5.109   1.00 1.36  ? 4  DT  A C6    1 
ATOM   80  P  P     . DC  A 1 5  ? -4.014  9.326   2.065   1.00 22.37 ? 5  DC  A P     1 
ATOM   81  O  OP1   . DC  A 1 5  ? -3.903  10.724  2.144   1.00 18.80 ? 5  DC  A OP1   1 
ATOM   82  O  OP2   . DC  A 1 5  ? -5.282  8.524   1.775   1.00 13.69 ? 5  DC  A OP2   1 
ATOM   83  O  "O5'" . DC  A 1 5  ? -2.949  8.841   0.920   1.00 14.96 ? 5  DC  A "O5'" 1 
ATOM   84  C  "C5'" . DC  A 1 5  ? -1.601  9.466   1.108   1.00 12.46 ? 5  DC  A "C5'" 1 
ATOM   85  C  "C4'" . DC  A 1 5  ? -0.710  8.530   0.238   1.00 11.98 ? 5  DC  A "C4'" 1 
ATOM   86  O  "O4'" . DC  A 1 5  ? -0.744  7.245   0.765   1.00 11.86 ? 5  DC  A "O4'" 1 
ATOM   87  C  "C3'" . DC  A 1 5  ? -1.269  8.375   -1.209  1.00 6.93  ? 5  DC  A "C3'" 1 
ATOM   88  O  "O3'" . DC  A 1 5  ? -0.519  9.272   -2.014  1.00 9.29  ? 5  DC  A "O3'" 1 
ATOM   89  C  "C2'" . DC  A 1 5  ? -1.184  6.911   -1.460  1.00 7.72  ? 5  DC  A "C2'" 1 
ATOM   90  C  "C1'" . DC  A 1 5  ? -0.470  6.324   -0.315  1.00 5.65  ? 5  DC  A "C1'" 1 
ATOM   91  N  N1    . DC  A 1 5  ? -0.822  5.023   0.224   1.00 4.53  ? 5  DC  A N1    1 
ATOM   92  C  C2    . DC  A 1 5  ? 0.222   3.970   0.206   1.00 0.14  ? 5  DC  A C2    1 
ATOM   93  O  O2    . DC  A 1 5  ? 1.310   4.211   -0.369  1.00 3.26  ? 5  DC  A O2    1 
ATOM   94  N  N3    . DC  A 1 5  ? -0.095  2.830   0.745   1.00 0.00  ? 5  DC  A N3    1 
ATOM   95  C  C4    . DC  A 1 5  ? -1.177  2.458   1.346   1.00 0.00  ? 5  DC  A C4    1 
ATOM   96  N  N4    . DC  A 1 5  ? -1.284  1.236   1.912   1.00 0.00  ? 5  DC  A N4    1 
ATOM   97  C  C5    . DC  A 1 5  ? -2.239  3.488   1.423   1.00 1.15  ? 5  DC  A C5    1 
ATOM   98  C  C6    . DC  A 1 5  ? -2.018  4.681   0.840   1.00 0.10  ? 5  DC  A C6    1 
ATOM   99  P  P     . DG  A 1 6  ? -0.904  9.286   -3.567  1.00 16.60 ? 6  DG  A P     1 
ATOM   100 O  OP1   . DG  A 1 6  ? -0.113  10.330  -4.229  1.00 17.14 ? 6  DG  A OP1   1 
ATOM   101 O  OP2   . DG  A 1 6  ? -2.387  9.040   -3.553  1.00 16.28 ? 6  DG  A OP2   1 
ATOM   102 O  "O5'" . DG  A 1 6  ? -0.274  7.949   -4.150  1.00 19.53 ? 6  DG  A "O5'" 1 
ATOM   103 C  "C5'" . DG  A 1 6  ? 1.178   7.686   -4.465  1.00 16.10 ? 6  DG  A "C5'" 1 
ATOM   104 C  "C4'" . DG  A 1 6  ? 1.240   6.226   -4.889  1.00 14.84 ? 6  DG  A "C4'" 1 
ATOM   105 O  "O4'" . DG  A 1 6  ? 0.525   5.464   -3.909  1.00 15.12 ? 6  DG  A "O4'" 1 
ATOM   106 C  "C3'" . DG  A 1 6  ? 0.497   5.892   -6.199  1.00 14.97 ? 6  DG  A "C3'" 1 
ATOM   107 O  "O3'" . DG  A 1 6  ? 1.333   5.028   -7.002  1.00 18.02 ? 6  DG  A "O3'" 1 
ATOM   108 C  "C2'" . DG  A 1 6  ? -0.761  5.123   -5.732  1.00 12.55 ? 6  DG  A "C2'" 1 
ATOM   109 C  "C1'" . DG  A 1 6  ? -0.108  4.352   -4.583  1.00 10.57 ? 6  DG  A "C1'" 1 
ATOM   110 N  N9    . DG  A 1 6  ? -1.010  3.580   -3.754  1.00 10.24 ? 6  DG  A N9    1 
ATOM   111 C  C8    . DG  A 1 6  ? -2.307  3.960   -3.310  1.00 6.07  ? 6  DG  A C8    1 
ATOM   112 N  N7    . DG  A 1 6  ? -2.828  3.004   -2.535  1.00 5.42  ? 6  DG  A N7    1 
ATOM   113 C  C5    . DG  A 1 6  ? -1.856  1.999   -2.426  1.00 1.71  ? 6  DG  A C5    1 
ATOM   114 C  C6    . DG  A 1 6  ? -1.899  0.819   -1.750  1.00 1.75  ? 6  DG  A C6    1 
ATOM   115 O  O6    . DG  A 1 6  ? -2.828  0.309   -1.086  1.00 0.00  ? 6  DG  A O6    1 
ATOM   116 N  N1    . DG  A 1 6  ? -0.751  0.008   -1.921  1.00 0.91  ? 6  DG  A N1    1 
ATOM   117 C  C2    . DG  A 1 6  ? 0.294   0.502   -2.689  1.00 2.30  ? 6  DG  A C2    1 
ATOM   118 N  N2    . DG  A 1 6  ? 1.295   -0.313  -2.812  1.00 4.17  ? 6  DG  A N2    1 
ATOM   119 N  N3    . DG  A 1 6  ? 0.360   1.692   -3.281  1.00 2.60  ? 6  DG  A N3    1 
ATOM   120 C  C4    . DG  A 1 6  ? -0.798  2.376   -3.199  1.00 4.70  ? 6  DG  A C4    1 
HETATM 121 P  P     . 6MA A 1 7  ? 1.519   5.536   -8.530  1.00 27.91 ? 7  6MA A P     1 
HETATM 122 O  OP1   . 6MA A 1 7  ? 2.534   6.490   -8.087  1.00 17.75 ? 7  6MA A OP1   1 
HETATM 123 O  OP2   . 6MA A 1 7  ? 0.196   5.656   -9.199  1.00 24.76 ? 7  6MA A OP2   1 
HETATM 124 O  "O5'" . 6MA A 1 7  ? 2.174   4.221   -9.117  1.00 24.46 ? 7  6MA A "O5'" 1 
HETATM 125 C  "C5'" . 6MA A 1 7  ? 3.291   3.527   -8.435  1.00 22.18 ? 7  6MA A "C5'" 1 
HETATM 126 C  "C4'" . 6MA A 1 7  ? 2.961   2.098   -8.718  1.00 19.94 ? 7  6MA A "C4'" 1 
HETATM 127 O  "O4'" . 6MA A 1 7  ? 2.216   1.687   -7.609  1.00 20.00 ? 7  6MA A "O4'" 1 
HETATM 128 C  "C3'" . 6MA A 1 7  ? 2.152   1.824   -9.931  1.00 19.92 ? 7  6MA A "C3'" 1 
HETATM 129 O  "O3'" . 6MA A 1 7  ? 2.729   1.025   -10.931 1.00 25.36 ? 7  6MA A "O3'" 1 
HETATM 130 C  "C2'" . 6MA A 1 7  ? 0.831   1.256   -9.421  1.00 17.21 ? 7  6MA A "C2'" 1 
HETATM 131 C  "C1'" . 6MA A 1 7  ? 1.153   0.816   -8.015  1.00 14.93 ? 7  6MA A "C1'" 1 
HETATM 132 N  N9    . 6MA A 1 7  ? -0.013  0.867   -7.219  1.00 8.82  ? 7  6MA A N9    1 
HETATM 133 C  C8    . 6MA A 1 7  ? -0.913  1.912   -7.161  1.00 9.36  ? 7  6MA A C8    1 
HETATM 134 N  N7    . 6MA A 1 7  ? -1.945  1.686   -6.360  1.00 10.69 ? 7  6MA A N7    1 
HETATM 135 C  C5    . 6MA A 1 7  ? -1.701  0.387   -5.870  1.00 6.70  ? 7  6MA A C5    1 
HETATM 136 C  C6    . 6MA A 1 7  ? -2.473  -0.404  -5.029  1.00 7.38  ? 7  6MA A C6    1 
HETATM 137 N  N1    . 6MA A 1 7  ? -1.900  -1.660  -4.669  1.00 7.10  ? 7  6MA A N1    1 
HETATM 138 C  C2    . 6MA A 1 7  ? -0.708  -1.986  -5.214  1.00 4.74  ? 7  6MA A C2    1 
HETATM 139 N  N3    . 6MA A 1 7  ? -0.018  -1.260  -6.104  1.00 3.97  ? 7  6MA A N3    1 
HETATM 140 C  C4    . 6MA A 1 7  ? -0.511  -0.080  -6.359  1.00 7.06  ? 7  6MA A C4    1 
HETATM 141 N  N6    . 6MA A 1 7  ? -3.626  -0.059  -4.373  1.00 8.30  ? 7  6MA A N6    1 
HETATM 142 C  C1    . 6MA A 1 7  ? -3.984  1.270   -4.847  1.00 4.50  ? 7  6MA A C1    1 
ATOM   143 P  P     . DT  A 1 8  ? 3.969   0.087   -11.498 1.00 37.39 ? 8  DT  A P     1 
ATOM   144 O  OP1   . DT  A 1 8  ? 5.154   0.204   -10.572 1.00 36.11 ? 8  DT  A OP1   1 
ATOM   145 O  OP2   . DT  A 1 8  ? 3.966   0.545   -12.915 1.00 38.42 ? 8  DT  A OP2   1 
ATOM   146 O  "O5'" . DT  A 1 8  ? 3.349   -1.378  -11.452 1.00 22.11 ? 8  DT  A "O5'" 1 
ATOM   147 C  "C5'" . DT  A 1 8  ? 3.595   -2.000  -10.158 1.00 19.76 ? 8  DT  A "C5'" 1 
ATOM   148 C  "C4'" . DT  A 1 8  ? 2.540   -3.068  -10.045 1.00 19.97 ? 8  DT  A "C4'" 1 
ATOM   149 O  "O4'" . DT  A 1 8  ? 1.519   -2.625  -9.258  1.00 18.52 ? 8  DT  A "O4'" 1 
ATOM   150 C  "C3'" . DT  A 1 8  ? 1.900   -3.571  -11.373 1.00 20.91 ? 8  DT  A "C3'" 1 
ATOM   151 O  "O3'" . DT  A 1 8  ? 1.983   -5.062  -11.450 1.00 29.27 ? 8  DT  A "O3'" 1 
ATOM   152 C  "C2'" . DT  A 1 8  ? 0.528   -3.073  -11.296 1.00 16.94 ? 8  DT  A "C2'" 1 
ATOM   153 C  "C1'" . DT  A 1 8  ? 0.322   -3.206  -9.755  1.00 15.09 ? 8  DT  A "C1'" 1 
ATOM   154 N  N1    . DT  A 1 8  ? -0.896  -2.489  -9.344  1.00 11.31 ? 8  DT  A N1    1 
ATOM   155 C  C2    . DT  A 1 8  ? -1.714  -3.069  -8.433  1.00 11.10 ? 8  DT  A C2    1 
ATOM   156 O  O2    . DT  A 1 8  ? -1.517  -4.155  -7.874  1.00 13.93 ? 8  DT  A O2    1 
ATOM   157 N  N3    . DT  A 1 8  ? -2.834  -2.392  -8.064  1.00 10.94 ? 8  DT  A N3    1 
ATOM   158 C  C4    . DT  A 1 8  ? -3.143  -1.134  -8.663  1.00 11.09 ? 8  DT  A C4    1 
ATOM   159 O  O4    . DT  A 1 8  ? -4.168  -0.639  -8.282  1.00 9.50  ? 8  DT  A O4    1 
ATOM   160 C  C5    . DT  A 1 8  ? -2.252  -0.617  -9.614  1.00 10.66 ? 8  DT  A C5    1 
ATOM   161 C  C7    . DT  A 1 8  ? -2.493  0.708   -10.278 1.00 10.20 ? 8  DT  A C7    1 
ATOM   162 C  C6    . DT  A 1 8  ? -1.149  -1.318  -9.923  1.00 10.62 ? 8  DT  A C6    1 
ATOM   163 P  P     . DC  A 1 9  ? 2.186   -6.010  -12.784 1.00 31.99 ? 9  DC  A P     1 
ATOM   164 O  OP1   . DC  A 1 9  ? 3.523   -6.567  -12.653 1.00 26.89 ? 9  DC  A OP1   1 
ATOM   165 O  OP2   . DC  A 1 9  ? 1.754   -5.168  -13.988 1.00 29.00 ? 9  DC  A OP2   1 
ATOM   166 O  "O5'" . DC  A 1 9  ? 1.016   -7.061  -12.567 1.00 18.65 ? 9  DC  A "O5'" 1 
ATOM   167 C  "C5'" . DC  A 1 9  ? 1.092   -7.581  -11.190 1.00 21.46 ? 9  DC  A "C5'" 1 
ATOM   168 C  "C4'" . DC  A 1 9  ? -0.254  -8.272  -10.884 1.00 20.68 ? 9  DC  A "C4'" 1 
ATOM   169 O  "O4'" . DC  A 1 9  ? -1.078  -7.370  -10.286 1.00 18.83 ? 9  DC  A "O4'" 1 
ATOM   170 C  "C3'" . DC  A 1 9  ? -0.935  -8.822  -12.149 1.00 20.49 ? 9  DC  A "C3'" 1 
ATOM   171 O  "O3'" . DC  A 1 9  ? -1.522  -10.138 -12.016 1.00 20.79 ? 9  DC  A "O3'" 1 
ATOM   172 C  "C2'" . DC  A 1 9  ? -1.969  -7.717  -12.423 1.00 21.13 ? 9  DC  A "C2'" 1 
ATOM   173 C  "C1'" . DC  A 1 9  ? -2.328  -7.311  -10.995 1.00 17.73 ? 9  DC  A "C1'" 1 
ATOM   174 N  N1    . DC  A 1 9  ? -2.968  -6.022  -11.082 1.00 13.54 ? 9  DC  A N1    1 
ATOM   175 C  C2    . DC  A 1 9  ? -4.035  -5.767  -10.177 1.00 10.84 ? 9  DC  A C2    1 
ATOM   176 O  O2    . DC  A 1 9  ? -4.351  -6.676  -9.399  1.00 9.37  ? 9  DC  A O2    1 
ATOM   177 N  N3    . DC  A 1 9  ? -4.610  -4.550  -10.275 1.00 12.24 ? 9  DC  A N3    1 
ATOM   178 C  C4    . DC  A 1 9  ? -4.226  -3.573  -11.118 1.00 10.55 ? 9  DC  A C4    1 
ATOM   179 N  N4    . DC  A 1 9  ? -4.853  -2.414  -11.123 1.00 12.00 ? 9  DC  A N4    1 
ATOM   180 C  C5    . DC  A 1 9  ? -3.119  -3.796  -11.998 1.00 10.60 ? 9  DC  A C5    1 
ATOM   181 C  C6    . DC  A 1 9  ? -2.559  -5.022  -11.928 1.00 13.39 ? 9  DC  A C6    1 
ATOM   182 P  P     . DG  A 1 10 ? -1.698  -10.875 -13.470 1.00 24.54 ? 10 DG  A P     1 
ATOM   183 O  OP1   . DG  A 1 10 ? -0.671  -11.953 -13.428 1.00 20.94 ? 10 DG  A OP1   1 
ATOM   184 O  OP2   . DG  A 1 10 ? -1.516  -9.778  -14.546 1.00 19.61 ? 10 DG  A OP2   1 
ATOM   185 O  "O5'" . DG  A 1 10 ? -3.155  -11.511 -13.322 1.00 19.53 ? 10 DG  A "O5'" 1 
ATOM   186 C  "C5'" . DG  A 1 10 ? -3.230  -12.279 -12.048 1.00 20.83 ? 10 DG  A "C5'" 1 
ATOM   187 C  "C4'" . DG  A 1 10 ? -4.714  -12.436 -11.739 1.00 21.18 ? 10 DG  A "C4'" 1 
ATOM   188 O  "O4'" . DG  A 1 10 ? -5.139  -11.167 -11.273 1.00 20.01 ? 10 DG  A "O4'" 1 
ATOM   189 C  "C3'" . DG  A 1 10 ? -5.647  -12.833 -12.850 1.00 20.93 ? 10 DG  A "C3'" 1 
ATOM   190 O  "O3'" . DG  A 1 10 ? -6.919  -13.458 -12.553 1.00 21.83 ? 10 DG  A "O3'" 1 
ATOM   191 C  "C2'" . DG  A 1 10 ? -5.840  -11.463 -13.520 1.00 17.46 ? 10 DG  A "C2'" 1 
ATOM   192 C  "C1'" . DG  A 1 10 ? -6.109  -10.698 -12.241 1.00 15.00 ? 10 DG  A "C1'" 1 
ATOM   193 N  N9    . DG  A 1 10 ? -5.994  -9.248  -12.512 1.00 10.32 ? 10 DG  A N9    1 
ATOM   194 C  C8    . DG  A 1 10 ? -5.022  -8.678  -13.327 1.00 9.93  ? 10 DG  A C8    1 
ATOM   195 N  N7    . DG  A 1 10 ? -5.179  -7.356  -13.448 1.00 9.16  ? 10 DG  A N7    1 
ATOM   196 C  C5    . DG  A 1 10 ? -6.301  -7.130  -12.682 1.00 6.01  ? 10 DG  A C5    1 
ATOM   197 C  C6    . DG  A 1 10 ? -6.962  -5.904  -12.448 1.00 5.17  ? 10 DG  A C6    1 
ATOM   198 O  O6    . DG  A 1 10 ? -6.654  -4.789  -12.868 1.00 8.99  ? 10 DG  A O6    1 
ATOM   199 N  N1    . DG  A 1 10 ? -8.089  -5.947  -11.658 1.00 3.90  ? 10 DG  A N1    1 
ATOM   200 C  C2    . DG  A 1 10 ? -8.498  -7.163  -11.138 1.00 5.23  ? 10 DG  A C2    1 
ATOM   201 N  N2    . DG  A 1 10 ? -9.678  -6.981  -10.424 1.00 0.00  ? 10 DG  A N2    1 
ATOM   202 N  N3    . DG  A 1 10 ? -7.911  -8.329  -11.332 1.00 5.71  ? 10 DG  A N3    1 
ATOM   203 C  C4    . DG  A 1 10 ? -6.863  -8.221  -12.139 1.00 4.97  ? 10 DG  A C4    1 
ATOM   204 O  "O5'" . DC  B 1 1  ? -14.259 0.070   -10.636 1.00 33.98 ? 11 DC  B "O5'" 1 
ATOM   205 C  "C5'" . DC  B 1 1  ? -14.669 -1.087  -11.485 1.00 32.87 ? 11 DC  B "C5'" 1 
ATOM   206 C  "C4'" . DC  B 1 1  ? -14.965 -2.142  -10.480 1.00 30.50 ? 11 DC  B "C4'" 1 
ATOM   207 O  "O4'" . DC  B 1 1  ? -13.920 -3.182  -10.586 1.00 30.96 ? 11 DC  B "O4'" 1 
ATOM   208 C  "C3'" . DC  B 1 1  ? -14.856 -1.586  -9.081  1.00 27.27 ? 11 DC  B "C3'" 1 
ATOM   209 O  "O3'" . DC  B 1 1  ? -15.564 -2.337  -8.131  1.00 27.67 ? 11 DC  B "O3'" 1 
ATOM   210 C  "C2'" . DC  B 1 1  ? -13.369 -1.484  -8.983  1.00 26.45 ? 11 DC  B "C2'" 1 
ATOM   211 C  "C1'" . DC  B 1 1  ? -12.860 -2.776  -9.695  1.00 26.13 ? 11 DC  B "C1'" 1 
ATOM   212 N  N1    . DC  B 1 1  ? -11.576 -2.600  -10.443 1.00 19.32 ? 11 DC  B N1    1 
ATOM   213 C  C2    . DC  B 1 1  ? -10.801 -3.743  -10.574 1.00 18.65 ? 11 DC  B C2    1 
ATOM   214 O  O2    . DC  B 1 1  ? -11.248 -4.850  -10.134 1.00 21.17 ? 11 DC  B O2    1 
ATOM   215 N  N3    . DC  B 1 1  ? -9.592  -3.646  -11.227 1.00 12.96 ? 11 DC  B N3    1 
ATOM   216 C  C4    . DC  B 1 1  ? -9.176  -2.432  -11.690 1.00 13.75 ? 11 DC  B C4    1 
ATOM   217 N  N4    . DC  B 1 1  ? -7.976  -2.348  -12.313 1.00 12.26 ? 11 DC  B N4    1 
ATOM   218 C  C5    . DC  B 1 1  ? -9.944  -1.292  -11.502 1.00 13.96 ? 11 DC  B C5    1 
ATOM   219 C  C6    . DC  B 1 1  ? -11.144 -1.376  -10.879 1.00 15.02 ? 11 DC  B C6    1 
ATOM   220 P  P     . DG  B 1 2  ? -15.332 -2.739  -6.626  1.00 47.71 ? 12 DG  B P     1 
ATOM   221 O  OP1   . DG  B 1 2  ? -16.661 -3.420  -6.292  1.00 38.66 ? 12 DG  B OP1   1 
ATOM   222 O  OP2   . DG  B 1 2  ? -14.990 -1.663  -5.623  1.00 39.26 ? 12 DG  B OP2   1 
ATOM   223 O  "O5'" . DG  B 1 2  ? -14.113 -3.753  -6.783  1.00 36.46 ? 12 DG  B "O5'" 1 
ATOM   224 C  "C5'" . DG  B 1 2  ? -14.457 -5.144  -6.480  1.00 34.20 ? 12 DG  B "C5'" 1 
ATOM   225 C  "C4'" . DG  B 1 2  ? -13.250 -5.660  -5.573  1.00 31.91 ? 12 DG  B "C4'" 1 
ATOM   226 O  "O4'" . DG  B 1 2  ? -12.128 -5.487  -6.388  1.00 30.95 ? 12 DG  B "O4'" 1 
ATOM   227 C  "C3'" . DG  B 1 2  ? -13.021 -4.852  -4.300  1.00 31.84 ? 12 DG  B "C3'" 1 
ATOM   228 O  "O3'" . DG  B 1 2  ? -12.955 -5.614  -3.132  1.00 34.69 ? 12 DG  B "O3'" 1 
ATOM   229 C  "C2'" . DG  B 1 2  ? -11.796 -4.001  -4.616  1.00 28.82 ? 12 DG  B "C2'" 1 
ATOM   230 C  "C1'" . DG  B 1 2  ? -11.103 -4.817  -5.719  1.00 27.02 ? 12 DG  B "C1'" 1 
ATOM   231 N  N9    . DG  B 1 2  ? -10.321 -3.887  -6.558  1.00 21.04 ? 12 DG  B N9    1 
ATOM   232 C  C8    . DG  B 1 2  ? -10.477 -2.550  -6.767  1.00 19.43 ? 12 DG  B C8    1 
ATOM   233 N  N7    . DG  B 1 2  ? -9.547  -2.027  -7.518  1.00 19.01 ? 12 DG  B N7    1 
ATOM   234 C  C5    . DG  B 1 2  ? -8.680  -3.195  -7.836  1.00 16.74 ? 12 DG  B C5    1 
ATOM   235 C  C6    . DG  B 1 2  ? -7.522  -3.257  -8.603  1.00 15.18 ? 12 DG  B C6    1 
ATOM   236 O  O6    . DG  B 1 2  ? -6.961  -2.295  -9.179  1.00 16.14 ? 12 DG  B O6    1 
ATOM   237 N  N1    . DG  B 1 2  ? -6.978  -4.481  -8.648  1.00 15.22 ? 12 DG  B N1    1 
ATOM   238 C  C2    . DG  B 1 2  ? -7.515  -5.564  -8.020  1.00 17.54 ? 12 DG  B C2    1 
ATOM   239 N  N2    . DG  B 1 2  ? -6.887  -6.696  -8.190  1.00 16.33 ? 12 DG  B N2    1 
ATOM   240 N  N3    . DG  B 1 2  ? -8.626  -5.584  -7.291  1.00 20.22 ? 12 DG  B N3    1 
ATOM   241 C  C4    . DG  B 1 2  ? -9.209  -4.264  -7.239  1.00 18.87 ? 12 DG  B C4    1 
ATOM   242 P  P     . DA  B 1 3  ? -11.988 -6.237  -2.021  1.00 43.74 ? 13 DA  B P     1 
ATOM   243 O  OP1   . DA  B 1 3  ? -12.431 -7.602  -1.588  1.00 42.94 ? 13 DA  B OP1   1 
ATOM   244 O  OP2   . DA  B 1 3  ? -11.752 -5.121  -1.033  1.00 43.29 ? 13 DA  B OP2   1 
ATOM   245 O  "O5'" . DA  B 1 3  ? -10.591 -6.632  -2.682  1.00 39.60 ? 13 DA  B "O5'" 1 
ATOM   246 C  "C5'" . DA  B 1 3  ? -10.489 -7.877  -3.455  1.00 36.02 ? 13 DA  B "C5'" 1 
ATOM   247 C  "C4'" . DA  B 1 3  ? -8.999  -8.160  -3.397  1.00 32.80 ? 13 DA  B "C4'" 1 
ATOM   248 O  "O4'" . DA  B 1 3  ? -8.266  -7.274  -4.230  1.00 30.93 ? 13 DA  B "O4'" 1 
ATOM   249 C  "C3'" . DA  B 1 3  ? -8.423  -7.982  -2.010  1.00 31.13 ? 13 DA  B "C3'" 1 
ATOM   250 O  "O3'" . DA  B 1 3  ? -7.478  -9.036  -1.723  1.00 34.43 ? 13 DA  B "O3'" 1 
ATOM   251 C  "C2'" . DA  B 1 3  ? -7.869  -6.571  -2.077  1.00 26.63 ? 13 DA  B "C2'" 1 
ATOM   252 C  "C1'" . DA  B 1 3  ? -7.236  -6.619  -3.417  1.00 22.53 ? 13 DA  B "C1'" 1 
ATOM   253 N  N9    . DA  B 1 3  ? -7.045  -5.320  -4.022  1.00 15.37 ? 13 DA  B N9    1 
ATOM   254 C  C8    . DA  B 1 3  ? -7.870  -4.221  -3.885  1.00 11.99 ? 13 DA  B C8    1 
ATOM   255 N  N7    . DA  B 1 3  ? -7.414  -3.204  -4.562  1.00 13.72 ? 13 DA  B N7    1 
ATOM   256 C  C5    . DA  B 1 3  ? -6.295  -3.584  -5.187  1.00 10.49 ? 13 DA  B C5    1 
ATOM   257 C  C6    . DA  B 1 3  ? -5.394  -2.940  -6.047  1.00 9.58  ? 13 DA  B C6    1 
ATOM   258 N  N6    . DA  B 1 3  ? -5.526  -1.684  -6.466  1.00 7.49  ? 13 DA  B N6    1 
ATOM   259 N  N1    . DA  B 1 3  ? -4.277  -3.745  -6.449  1.00 7.22  ? 13 DA  B N1    1 
ATOM   260 C  C2    . DA  B 1 3  ? -4.170  -5.010  -6.116  1.00 4.56  ? 13 DA  B C2    1 
ATOM   261 N  N3    . DA  B 1 3  ? -4.972  -5.694  -5.297  1.00 7.21  ? 13 DA  B N3    1 
ATOM   262 C  C4    . DA  B 1 3  ? -5.994  -4.942  -4.852  1.00 10.96 ? 13 DA  B C4    1 
ATOM   263 P  P     . DT  B 1 4  ? -6.666  -8.919  -0.311  1.00 42.02 ? 14 DT  B P     1 
ATOM   264 O  OP1   . DT  B 1 4  ? -6.610  -10.355 -0.005  1.00 24.98 ? 14 DT  B OP1   1 
ATOM   265 O  OP2   . DT  B 1 4  ? -7.145  -7.746  0.510   1.00 40.56 ? 14 DT  B OP2   1 
ATOM   266 O  "O5'" . DT  B 1 4  ? -5.336  -8.440  -1.058  1.00 32.60 ? 14 DT  B "O5'" 1 
ATOM   267 C  "C5'" . DT  B 1 4  ? -4.936  -9.536  -1.984  1.00 28.86 ? 14 DT  B "C5'" 1 
ATOM   268 C  "C4'" . DT  B 1 4  ? -3.498  -9.154  -2.311  1.00 26.07 ? 14 DT  B "C4'" 1 
ATOM   269 O  "O4'" . DT  B 1 4  ? -3.496  -7.890  -2.892  1.00 24.52 ? 14 DT  B "O4'" 1 
ATOM   270 C  "C3'" . DT  B 1 4  ? -2.650  -8.989  -1.019  1.00 23.19 ? 14 DT  B "C3'" 1 
ATOM   271 O  "O3'" . DT  B 1 4  ? -1.377  -9.676  -1.291  1.00 26.57 ? 14 DT  B "O3'" 1 
ATOM   272 C  "C2'" . DT  B 1 4  ? -2.563  -7.499  -0.818  1.00 21.56 ? 14 DT  B "C2'" 1 
ATOM   273 C  "C1'" . DT  B 1 4  ? -2.606  -6.945  -2.228  1.00 20.71 ? 14 DT  B "C1'" 1 
ATOM   274 N  N1    . DT  B 1 4  ? -3.057  -5.618  -2.340  1.00 16.43 ? 14 DT  B N1    1 
ATOM   275 C  C2    . DT  B 1 4  ? -2.471  -4.722  -3.212  1.00 15.02 ? 14 DT  B C2    1 
ATOM   276 O  O2    . DT  B 1 4  ? -1.536  -4.983  -3.954  1.00 16.47 ? 14 DT  B O2    1 
ATOM   277 N  N3    . DT  B 1 4  ? -2.973  -3.452  -3.230  1.00 13.53 ? 14 DT  B N3    1 
ATOM   278 C  C4    . DT  B 1 4  ? -4.036  -3.043  -2.468  1.00 13.45 ? 14 DT  B C4    1 
ATOM   279 O  O4    . DT  B 1 4  ? -4.358  -1.864  -2.599  1.00 14.13 ? 14 DT  B O4    1 
ATOM   280 C  C5    . DT  B 1 4  ? -4.647  -3.961  -1.593  1.00 14.06 ? 14 DT  B C5    1 
ATOM   281 C  C7    . DT  B 1 4  ? -5.778  -3.633  -0.677  1.00 15.30 ? 14 DT  B C7    1 
ATOM   282 C  C6    . DT  B 1 4  ? -4.120  -5.208  -1.576  1.00 15.41 ? 14 DT  B C6    1 
ATOM   283 P  P     . DC  B 1 5  ? -0.289  -9.932  -0.188  1.00 40.60 ? 15 DC  B P     1 
ATOM   284 O  OP1   . DC  B 1 5  ? 0.474   -11.133 -0.901  1.00 39.43 ? 15 DC  B OP1   1 
ATOM   285 O  OP2   . DC  B 1 5  ? -0.812  -10.055 1.192   1.00 30.95 ? 15 DC  B OP2   1 
ATOM   286 O  "O5'" . DC  B 1 5  ? 0.767   -8.737  -0.268  1.00 23.62 ? 15 DC  B "O5'" 1 
ATOM   287 C  "C5'" . DC  B 1 5  ? 1.420   -8.517  -1.515  1.00 20.57 ? 15 DC  B "C5'" 1 
ATOM   288 C  "C4'" . DC  B 1 5  ? 2.110   -7.153  -1.340  1.00 17.71 ? 15 DC  B "C4'" 1 
ATOM   289 O  "O4'" . DC  B 1 5  ? 1.255   -6.151  -1.639  1.00 15.69 ? 15 DC  B "O4'" 1 
ATOM   290 C  "C3'" . DC  B 1 5  ? 2.689   -6.834  -0.008  1.00 17.31 ? 15 DC  B "C3'" 1 
ATOM   291 O  "O3'" . DC  B 1 5  ? 3.991   -6.214  -0.077  1.00 16.85 ? 15 DC  B "O3'" 1 
ATOM   292 C  "C2'" . DC  B 1 5  ? 1.680   -5.827  0.559   1.00 15.05 ? 15 DC  B "C2'" 1 
ATOM   293 C  "C1'" . DC  B 1 5  ? 1.410   -5.099  -0.700  1.00 14.37 ? 15 DC  B "C1'" 1 
ATOM   294 N  N1    . DC  B 1 5  ? 0.221   -4.206  -0.433  1.00 11.41 ? 15 DC  B N1    1 
ATOM   295 C  C2    . DC  B 1 5  ? 0.214   -2.954  -0.985  1.00 10.82 ? 15 DC  B C2    1 
ATOM   296 O  O2    . DC  B 1 5  ? 1.134   -2.571  -1.738  1.00 13.81 ? 15 DC  B O2    1 
ATOM   297 N  N3    . DC  B 1 5  ? -0.853  -2.092  -0.677  1.00 9.06  ? 15 DC  B N3    1 
ATOM   298 C  C4    . DC  B 1 5  ? -1.824  -2.519  0.082   1.00 8.06  ? 15 DC  B C4    1 
ATOM   299 N  N4    . DC  B 1 5  ? -2.889  -1.644  0.303   1.00 11.21 ? 15 DC  B N4    1 
ATOM   300 C  C5    . DC  B 1 5  ? -1.858  -3.804  0.609   1.00 10.84 ? 15 DC  B C5    1 
ATOM   301 C  C6    . DC  B 1 5  ? -0.838  -4.582  0.339   1.00 13.45 ? 15 DC  B C6    1 
ATOM   302 P  P     . DG  B 1 6  ? 5.292   -6.615  0.587   1.00 7.95  ? 16 DG  B P     1 
ATOM   303 O  OP1   . DG  B 1 6  ? 5.532   -7.894  -0.030  1.00 18.12 ? 16 DG  B OP1   1 
ATOM   304 O  OP2   . DG  B 1 6  ? 5.190   -6.517  2.061   1.00 7.22  ? 16 DG  B OP2   1 
ATOM   305 O  "O5'" . DG  B 1 6  ? 6.481   -5.629  0.016   1.00 6.52  ? 16 DG  B "O5'" 1 
ATOM   306 C  "C5'" . DG  B 1 6  ? 6.407   -5.623  -1.431  1.00 6.08  ? 16 DG  B "C5'" 1 
ATOM   307 C  "C4'" . DG  B 1 6  ? 6.801   -4.174  -1.827  1.00 4.96  ? 16 DG  B "C4'" 1 
ATOM   308 O  "O4'" . DG  B 1 6  ? 5.728   -3.284  -1.751  1.00 4.41  ? 16 DG  B "O4'" 1 
ATOM   309 C  "C3'" . DG  B 1 6  ? 7.896   -3.607  -0.937  1.00 3.39  ? 16 DG  B "C3'" 1 
ATOM   310 O  "O3'" . DG  B 1 6  ? 8.661   -2.698  -1.715  1.00 3.89  ? 16 DG  B "O3'" 1 
ATOM   311 C  "C2'" . DG  B 1 6  ? 7.063   -2.911  0.153   1.00 2.31  ? 16 DG  B "C2'" 1 
ATOM   312 C  "C1'" . DG  B 1 6  ? 5.937   -2.343  -0.618  1.00 2.82  ? 16 DG  B "C1'" 1 
ATOM   313 N  N9    . DG  B 1 6  ? 4.673   -2.239  0.135   1.00 4.16  ? 16 DG  B N9    1 
ATOM   314 C  C8    . DG  B 1 6  ? 4.037   -3.165  0.925   1.00 1.94  ? 16 DG  B C8    1 
ATOM   315 N  N7    . DG  B 1 6  ? 2.928   -2.761  1.432   1.00 0.53  ? 16 DG  B N7    1 
ATOM   316 C  C5    . DG  B 1 6  ? 2.799   -1.492  0.926   1.00 4.27  ? 16 DG  B C5    1 
ATOM   317 C  C6    . DG  B 1 6  ? 1.743   -0.464  1.062   1.00 2.90  ? 16 DG  B C6    1 
ATOM   318 O  O6    . DG  B 1 6  ? 0.730   -0.653  1.717   1.00 4.30  ? 16 DG  B O6    1 
ATOM   319 N  N1    . DG  B 1 6  ? 2.021   0.656   0.411   1.00 2.08  ? 16 DG  B N1    1 
ATOM   320 C  C2    . DG  B 1 6  ? 3.069   0.892   -0.363  1.00 1.01  ? 16 DG  B C2    1 
ATOM   321 N  N2    . DG  B 1 6  ? 3.168   2.103   -0.900  1.00 4.21  ? 16 DG  B N2    1 
ATOM   322 N  N3    . DG  B 1 6  ? 4.095   -0.015  -0.609  1.00 4.46  ? 16 DG  B N3    1 
ATOM   323 C  C4    . DG  B 1 6  ? 3.915   -1.188  0.086   1.00 3.87  ? 16 DG  B C4    1 
HETATM 324 P  P     . 6MA B 1 7  ? 9.801   -1.944  -0.943  1.00 10.31 ? 17 6MA B P     1 
HETATM 325 O  OP1   . 6MA B 1 7  ? 10.832  -1.935  -2.071  1.00 7.05  ? 17 6MA B OP1   1 
HETATM 326 O  OP2   . 6MA B 1 7  ? 10.260  -2.508  0.324   1.00 7.77  ? 17 6MA B OP2   1 
HETATM 327 O  "O5'" . 6MA B 1 7  ? 9.366   -0.377  -0.789  1.00 13.00 ? 17 6MA B "O5'" 1 
HETATM 328 C  "C5'" . 6MA B 1 7  ? 8.999   0.391   -2.005  1.00 8.17  ? 17 6MA B "C5'" 1 
HETATM 329 C  "C4'" . 6MA B 1 7  ? 8.647   1.713   -1.458  1.00 5.72  ? 17 6MA B "C4'" 1 
HETATM 330 O  "O4'" . 6MA B 1 7  ? 7.438   1.603   -0.718  1.00 6.60  ? 17 6MA B "O4'" 1 
HETATM 331 C  "C3'" . 6MA B 1 7  ? 9.613   2.428   -0.548  1.00 5.78  ? 17 6MA B "C3'" 1 
HETATM 332 O  "O3'" . 6MA B 1 7  ? 9.761   3.797   -0.971  1.00 9.68  ? 17 6MA B "O3'" 1 
HETATM 333 C  "C2'" . 6MA B 1 7  ? 9.049   2.259   0.893   1.00 1.52  ? 17 6MA B "C2'" 1 
HETATM 334 C  "C1'" . 6MA B 1 7  ? 7.567   2.323   0.566   1.00 0.89  ? 17 6MA B "C1'" 1 
HETATM 335 N  N9    . 6MA B 1 7  ? 6.754   1.614   1.501   1.00 0.00  ? 17 6MA B N9    1 
HETATM 336 C  C8    . 6MA B 1 7  ? 6.852   0.441   2.072   1.00 1.05  ? 17 6MA B C8    1 
HETATM 337 N  N7    . 6MA B 1 7  ? 5.866   0.002   2.804   1.00 1.73  ? 17 6MA B N7    1 
HETATM 338 C  C5    . 6MA B 1 7  ? 4.947   1.179   2.721   1.00 0.39  ? 17 6MA B C5    1 
HETATM 339 C  C6    . 6MA B 1 7  ? 3.751   1.364   3.321   1.00 0.46  ? 17 6MA B C6    1 
HETATM 340 N  N1    . 6MA B 1 7  ? 3.170   2.608   2.991   1.00 0.24  ? 17 6MA B N1    1 
HETATM 341 C  C2    . 6MA B 1 7  ? 3.764   3.503   2.176   1.00 1.29  ? 17 6MA B C2    1 
HETATM 342 N  N3    . 6MA B 1 7  ? 4.968   3.330   1.546   1.00 3.26  ? 17 6MA B N3    1 
HETATM 343 C  C4    . 6MA B 1 7  ? 5.501   2.169   1.914   1.00 1.06  ? 17 6MA B C4    1 
HETATM 344 N  N6    . 6MA B 1 7  ? 3.005   0.608   4.072   1.00 1.10  ? 17 6MA B N6    1 
HETATM 345 C  C1    . 6MA B 1 7  ? 3.734   -0.632  4.353   1.00 2.14  ? 17 6MA B C1    1 
ATOM   346 P  P     . DT  B 1 8  ? 10.797  4.721   -0.181  1.00 10.02 ? 18 DT  B P     1 
ATOM   347 O  OP1   . DT  B 1 8  ? 11.245  5.408   -1.361  1.00 16.65 ? 18 DT  B OP1   1 
ATOM   348 O  OP2   . DT  B 1 8  ? 11.697  3.813   0.670   1.00 27.80 ? 18 DT  B OP2   1 
ATOM   349 O  "O5'" . DT  B 1 8  ? 9.918   5.513   0.859   1.00 16.46 ? 18 DT  B "O5'" 1 
ATOM   350 C  "C5'" . DT  B 1 8  ? 8.890   6.387   0.404   1.00 15.36 ? 18 DT  B "C5'" 1 
ATOM   351 C  "C4'" . DT  B 1 8  ? 8.091   6.690   1.683   1.00 13.90 ? 18 DT  B "C4'" 1 
ATOM   352 O  "O4'" . DT  B 1 8  ? 7.633   5.430   2.209   1.00 12.17 ? 18 DT  B "O4'" 1 
ATOM   353 C  "C3'" . DT  B 1 8  ? 8.977   7.171   2.833   1.00 14.24 ? 18 DT  B "C3'" 1 
ATOM   354 O  "O3'" . DT  B 1 8  ? 8.950   8.576   2.930   1.00 18.91 ? 18 DT  B "O3'" 1 
ATOM   355 C  "C2'" . DT  B 1 8  ? 8.424   6.513   4.086   1.00 12.22 ? 18 DT  B "C2'" 1 
ATOM   356 C  "C1'" . DT  B 1 8  ? 7.208   5.794   3.528   1.00 9.96  ? 18 DT  B "C1'" 1 
ATOM   357 N  N1    . DT  B 1 8  ? 6.969   4.565   4.259   1.00 7.07  ? 18 DT  B N1    1 
ATOM   358 C  C2    . DT  B 1 8  ? 5.689   4.543   4.865   1.00 6.45  ? 18 DT  B C2    1 
ATOM   359 O  O2    . DT  B 1 8  ? 4.896   5.432   4.817   1.00 3.51  ? 18 DT  B O2    1 
ATOM   360 N  N3    . DT  B 1 8  ? 5.435   3.433   5.600   1.00 4.58  ? 18 DT  B N3    1 
ATOM   361 C  C4    . DT  B 1 8  ? 6.324   2.362   5.661   1.00 4.48  ? 18 DT  B C4    1 
ATOM   362 O  O4    . DT  B 1 8  ? 5.877   1.358   6.307   1.00 7.39  ? 18 DT  B O4    1 
ATOM   363 C  C5    . DT  B 1 8  ? 7.558   2.481   5.004   1.00 5.89  ? 18 DT  B C5    1 
ATOM   364 C  C7    . DT  B 1 8  ? 8.577   1.392   5.076   1.00 4.35  ? 18 DT  B C7    1 
ATOM   365 C  C6    . DT  B 1 8  ? 7.835   3.602   4.354   1.00 5.64  ? 18 DT  B C6    1 
ATOM   366 P  P     . DC  B 1 9  ? 9.768   9.389   4.096   1.00 26.58 ? 19 DC  B P     1 
ATOM   367 O  OP1   . DC  B 1 9  ? 9.910   10.556  3.201   1.00 13.09 ? 19 DC  B OP1   1 
ATOM   368 O  OP2   . DC  B 1 9  ? 10.985  8.782   4.766   1.00 29.74 ? 19 DC  B OP2   1 
ATOM   369 O  "O5'" . DC  B 1 9  ? 8.487   9.571   5.115   1.00 14.11 ? 19 DC  B "O5'" 1 
ATOM   370 C  "C5'" . DC  B 1 9  ? 7.252   10.155  4.505   1.00 12.09 ? 19 DC  B "C5'" 1 
ATOM   371 C  "C4'" . DC  B 1 9  ? 6.336   10.359  5.769   1.00 9.54  ? 19 DC  B "C4'" 1 
ATOM   372 O  "O4'" . DC  B 1 9  ? 5.774   9.154   6.192   1.00 9.62  ? 19 DC  B "O4'" 1 
ATOM   373 C  "C3'" . DC  B 1 9  ? 7.198   10.818  6.921   1.00 8.66  ? 19 DC  B "C3'" 1 
ATOM   374 O  "O3'" . DC  B 1 9  ? 6.834   12.182  7.090   1.00 21.60 ? 19 DC  B "O3'" 1 
ATOM   375 C  "C2'" . DC  B 1 9  ? 6.918   9.888   8.072   1.00 6.64  ? 19 DC  B "C2'" 1 
ATOM   376 C  "C1'" . DC  B 1 9  ? 5.806   8.987   7.584   1.00 5.03  ? 19 DC  B "C1'" 1 
ATOM   377 N  N1    . DC  B 1 9  ? 6.156   7.545   7.881   1.00 6.10  ? 19 DC  B N1    1 
ATOM   378 C  C2    . DC  B 1 9  ? 5.247   6.788   8.567   1.00 3.22  ? 19 DC  B C2    1 
ATOM   379 O  O2    . DC  B 1 9  ? 4.229   7.282   9.004   1.00 7.75  ? 19 DC  B O2    1 
ATOM   380 N  N3    . DC  B 1 9  ? 5.469   5.506   8.796   1.00 4.55  ? 19 DC  B N3    1 
ATOM   381 C  C4    . DC  B 1 9  ? 6.574   4.948   8.433   1.00 5.05  ? 19 DC  B C4    1 
ATOM   382 N  N4    . DC  B 1 9  ? 6.705   3.576   8.731   1.00 5.47  ? 19 DC  B N4    1 
ATOM   383 C  C5    . DC  B 1 9  ? 7.524   5.623   7.653   1.00 4.79  ? 19 DC  B C5    1 
ATOM   384 C  C6    . DC  B 1 9  ? 7.302   6.903   7.423   1.00 8.43  ? 19 DC  B C6    1 
ATOM   385 P  P     . DG  B 1 10 ? 6.477   13.141  8.327   1.00 36.30 ? 20 DG  B P     1 
ATOM   386 O  OP1   . DG  B 1 10 ? 6.473   14.317  7.394   1.00 40.94 ? 20 DG  B OP1   1 
ATOM   387 O  OP2   . DG  B 1 10 ? 7.629   13.224  9.286   1.00 44.71 ? 20 DG  B OP2   1 
ATOM   388 O  "O5'" . DG  B 1 10 ? 5.202   12.450  9.062   1.00 22.17 ? 20 DG  B "O5'" 1 
ATOM   389 C  "C5'" . DG  B 1 10 ? 5.198   13.048  10.390  1.00 20.06 ? 20 DG  B "C5'" 1 
ATOM   390 C  "C4'" . DG  B 1 10 ? 4.561   12.095  11.355  1.00 20.31 ? 20 DG  B "C4'" 1 
ATOM   391 O  "O4'" . DG  B 1 10 ? 4.795   10.762  11.086  1.00 19.62 ? 20 DG  B "O4'" 1 
ATOM   392 C  "C3'" . DG  B 1 10 ? 5.056   12.323  12.812  1.00 18.55 ? 20 DG  B "C3'" 1 
ATOM   393 O  "O3'" . DG  B 1 10 ? 4.030   12.082  13.758  1.00 18.47 ? 20 DG  B "O3'" 1 
ATOM   394 C  "C2'" . DG  B 1 10 ? 6.183   11.334  12.842  1.00 16.67 ? 20 DG  B "C2'" 1 
ATOM   395 C  "C1'" . DG  B 1 10 ? 5.459   10.131  12.237  1.00 14.92 ? 20 DG  B "C1'" 1 
ATOM   396 N  N9    . DG  B 1 10 ? 6.359   8.999   11.886  1.00 8.69  ? 20 DG  B N9    1 
ATOM   397 C  C8    . DG  B 1 10 ? 7.576   9.093   11.290  1.00 6.98  ? 20 DG  B C8    1 
ATOM   398 N  N7    . DG  B 1 10 ? 8.139   7.906   11.099  1.00 4.97  ? 20 DG  B N7    1 
ATOM   399 C  C5    . DG  B 1 10 ? 7.229   7.033   11.664  1.00 5.80  ? 20 DG  B C5    1 
ATOM   400 C  C6    . DG  B 1 10 ? 7.278   5.611   11.827  1.00 7.80  ? 20 DG  B C6    1 
ATOM   401 O  O6    . DG  B 1 10 ? 8.109   4.808   11.493  1.00 7.02  ? 20 DG  B O6    1 
ATOM   402 N  N1    . DG  B 1 10 ? 6.232   5.002   12.475  1.00 9.08  ? 20 DG  B N1    1 
ATOM   403 C  C2    . DG  B 1 10 ? 5.219   5.753   12.977  1.00 6.22  ? 20 DG  B C2    1 
ATOM   404 N  N2    . DG  B 1 10 ? 4.231   5.071   13.558  1.00 3.93  ? 20 DG  B N2    1 
ATOM   405 N  N3    . DG  B 1 10 ? 5.070   7.087   12.826  1.00 7.44  ? 20 DG  B N3    1 
ATOM   406 C  C4    . DG  B 1 10 ? 6.179   7.622   12.167  1.00 7.40  ? 20 DG  B C4    1 
HETATM 407 CL CL    . CL  C 2 .  ? 11.801  0.255   4.243   0.50 18.65 ? 21 CL  B CL    1 
HETATM 408 MG MG    . MG  D 3 .  ? 6.813   -4.172  4.792   0.50 26.04 ? 22 MG  B MG    1 
HETATM 409 MG MG    . MG  E 3 .  ? 7.071   -9.701  -0.016  1.00 26.34 ? 23 MG  B MG    1 
HETATM 410 O  O     . HOH F 4 .  ? 2.684   3.484   16.202  1.00 27.95 ? 24 HOH A O     1 
HETATM 411 O  O     . HOH F 4 .  ? 2.069   8.401   12.847  1.00 21.34 ? 25 HOH A O     1 
HETATM 412 O  O     . HOH F 4 .  ? 0.213   6.992   7.603   1.00 9.92  ? 26 HOH A O     1 
HETATM 413 O  O     . HOH F 4 .  ? 3.002   4.744   -2.067  1.00 21.26 ? 29 HOH A O     1 
HETATM 414 O  O     . HOH F 4 .  ? 3.257   2.808   -5.386  1.00 34.26 ? 31 HOH A O     1 
HETATM 415 O  O     . HOH F 4 .  ? -4.505  -9.051  -8.388  1.00 21.89 ? 34 HOH A O     1 
HETATM 416 O  O     . HOH F 4 .  ? 7.948   -1.017  18.370  1.00 36.80 ? 39 HOH A O     1 
HETATM 417 O  O     . HOH F 4 .  ? 5.271   -0.179  9.761   1.00 16.41 ? 47 HOH A O     1 
HETATM 418 O  O     . HOH F 4 .  ? -1.756  -2.657  11.795  1.00 40.47 ? 50 HOH A O     1 
HETATM 419 O  O     . HOH F 4 .  ? 0.031   -1.115  6.289   1.00 6.85  ? 52 HOH A O     1 
HETATM 420 O  O     . HOH F 4 .  ? -5.333  1.992   7.832   1.00 35.19 ? 53 HOH A O     1 
HETATM 421 O  O     . HOH F 4 .  ? -4.122  0.478   2.764   1.00 23.63 ? 56 HOH A O     1 
HETATM 422 O  O     . HOH F 4 .  ? -4.802  6.583   -1.982  1.00 19.90 ? 57 HOH A O     1 
HETATM 423 O  O     . HOH F 4 .  ? -3.697  7.529   -4.671  1.00 9.11  ? 58 HOH A O     1 
HETATM 424 O  O     . HOH F 4 .  ? -1.871  -1.308  -13.560 1.00 41.79 ? 62 HOH A O     1 
HETATM 425 O  O     . HOH F 4 .  ? -0.936  -3.856  -14.826 1.00 27.70 ? 64 HOH A O     1 
HETATM 426 O  O     . HOH F 4 .  ? -5.085  -3.805  -13.868 1.00 16.12 ? 66 HOH A O     1 
HETATM 427 O  O     . HOH F 4 .  ? -3.436  -6.239  -15.255 1.00 16.85 ? 67 HOH A O     1 
HETATM 428 O  O     . HOH F 4 .  ? -9.588  -13.940 -12.620 1.00 24.29 ? 68 HOH A O     1 
HETATM 429 O  O     . HOH G 4 .  ? 3.154   8.694   5.331   1.00 28.38 ? 27 HOH B O     1 
HETATM 430 O  O     . HOH G 4 .  ? 5.279   5.517   0.043   1.00 40.32 ? 28 HOH B O     1 
HETATM 431 O  O     . HOH G 4 .  ? 5.469   0.296   -2.707  1.00 19.32 ? 30 HOH B O     1 
HETATM 432 O  O     . HOH G 4 .  ? 2.935   -3.379  -3.484  1.00 13.06 ? 32 HOH B O     1 
HETATM 433 O  O     . HOH G 4 .  ? -3.620  -8.154  -5.536  1.00 19.71 ? 33 HOH B O     1 
HETATM 434 O  O     . HOH G 4 .  ? -13.067 -7.433  -8.645  1.00 21.97 ? 35 HOH B O     1 
HETATM 435 O  O     . HOH G 4 .  ? 6.421   5.427   -2.502  1.00 64.29 ? 36 HOH B O     1 
HETATM 436 O  O     . HOH G 4 .  ? 6.223   2.712   -4.030  1.00 21.39 ? 37 HOH B O     1 
HETATM 437 O  O     . HOH G 4 .  ? 4.488   12.245  16.385  1.00 22.56 ? 38 HOH B O     1 
HETATM 438 O  O     . HOH G 4 .  ? 9.233   12.117  11.263  1.00 25.76 ? 40 HOH B O     1 
HETATM 439 O  O     . HOH G 4 .  ? 12.259  1.952   10.903  1.00 18.40 ? 41 HOH B O     1 
HETATM 440 O  O     . HOH G 4 .  ? 11.341  4.690   9.984   1.00 27.16 ? 42 HOH B O     1 
HETATM 441 O  O     . HOH G 4 .  ? 9.477   2.827   7.938   1.00 22.43 ? 43 HOH B O     1 
HETATM 442 O  O     . HOH G 4 .  ? 12.312  1.144   6.705   1.00 15.42 ? 44 HOH B O     1 
HETATM 443 O  O     . HOH G 4 .  ? 4.092   14.053  6.624   1.00 17.46 ? 45 HOH B O     1 
HETATM 444 O  O     . HOH G 4 .  ? 10.836  3.553   5.589   1.00 13.57 ? 46 HOH B O     1 
HETATM 445 O  O     . HOH G 4 .  ? 11.763  3.905   3.229   1.00 46.87 ? 48 HOH B O     1 
HETATM 446 O  O     . HOH G 4 .  ? 6.886   -1.087  7.571   1.00 4.25  ? 49 HOH B O     1 
HETATM 447 O  O     . HOH G 4 .  ? 9.447   -1.117  3.120   1.00 3.55  ? 51 HOH B O     1 
HETATM 448 O  O     . HOH G 4 .  ? 1.723   -4.140  3.774   1.00 37.83 ? 54 HOH B O     1 
HETATM 449 O  O     . HOH G 4 .  ? -0.375  -2.364  3.307   1.00 11.00 ? 55 HOH B O     1 
HETATM 450 O  O     . HOH G 4 .  ? 4.402   -8.763  -3.665  1.00 24.83 ? 59 HOH B O     1 
HETATM 451 O  O     . HOH G 4 .  ? -4.129  -13.034 -0.078  1.00 36.83 ? 60 HOH B O     1 
HETATM 452 O  O     . HOH G 4 .  ? -12.729 -0.113  -6.351  1.00 26.40 ? 61 HOH B O     1 
HETATM 453 O  O     . HOH G 4 .  ? -16.364 1.907   -7.833  1.00 24.55 ? 63 HOH B O     1 
HETATM 454 O  O     . HOH G 4 .  ? -6.454  -0.832  -12.709 1.00 36.21 ? 65 HOH B O     1 
HETATM 455 O  O     . HOH G 4 .  ? 5.134   -4.306  3.727   1.00 10.54 ? 69 HOH B O     1 
HETATM 456 O  O     . HOH G 4 .  ? 7.400   -2.364  3.972   1.00 13.05 ? 70 HOH B O     1 
HETATM 457 O  O     . HOH G 4 .  ? 5.783   -3.039  6.210   1.00 25.08 ? 71 HOH B O     1 
HETATM 458 O  O     . HOH G 4 .  ? 8.276   -11.409 0.015   1.00 29.18 ? 72 HOH B O     1 
HETATM 459 O  O     . HOH G 4 .  ? 6.319   -10.251 -1.709  1.00 23.74 ? 73 HOH B O     1 
HETATM 460 O  O     . HOH G 4 .  ? 7.934   -9.195  1.749   1.00 37.71 ? 74 HOH B O     1 
HETATM 461 O  O     . HOH G 4 .  ? 5.639   -10.706 1.052   1.00 21.08 ? 75 HOH B O     1 
HETATM 462 O  O     . HOH G 4 .  ? 8.549   -8.680  -0.916  1.00 30.34 ? 76 HOH B O     1 
# 
